data_4O0L
#
_entry.id   4O0L
#
_cell.length_a   91.272
_cell.length_b   91.272
_cell.length_c   265.350
_cell.angle_alpha   90.00
_cell.angle_beta   90.00
_cell.angle_gamma   90.00
#
_symmetry.space_group_name_H-M   'P 41 21 2'
#
loop_
_entity.id
_entity.type
_entity.pdbx_description
1 polymer 'NADPH-dependent 3-quinuclidinone reductase'
2 non-polymer 'NADPH DIHYDRO-NICOTINAMIDE-ADENINE-DINUCLEOTIDE PHOSPHATE'
3 water water
#
_entity_poly.entity_id   1
_entity_poly.type   'polypeptide(L)'
_entity_poly.pdbx_seq_one_letter_code
;GSHMSSPSDGPFPKATPQLPNSVFDMFSMKGKVTAITGGGGGIGFAAAEAIAEAGGDVALLYRSAPNMEERSAELAKRFG
VKVKSYQCEVTEHESVKQAIEAVEKDFGRLDCYIANAGGGVPGSINPDYPLEAWHKTQSVNLHSTFYAARECARIFKAQG
SGSFIATTSISARIVNVPYDQPAYNSSKAAVVHFCRSLARDWRNFARVNTISPGFFDTPMGPSDKAVEDVLYQKSVLGRA
GDVKELKAAYLYLASNASTYTTGADLLIDGGYCLT
;
_entity_poly.pdbx_strand_id   A,B,C,D
#
loop_
_chem_comp.id
_chem_comp.type
_chem_comp.name
_chem_comp.formula
NDP non-polymer 'NADPH DIHYDRO-NICOTINAMIDE-ADENINE-DINUCLEOTIDE PHOSPHATE' 'C21 H30 N7 O17 P3'
#
# COMPACT_ATOMS: atom_id res chain seq x y z
N GLY A 10 28.33 2.71 -15.62
CA GLY A 10 27.11 3.62 -15.98
C GLY A 10 27.49 4.46 -17.15
N PRO A 11 27.71 5.76 -17.04
CA PRO A 11 27.77 6.41 -15.79
C PRO A 11 26.43 7.11 -15.38
N PHE A 12 26.46 7.78 -14.23
CA PHE A 12 25.31 8.49 -13.71
C PHE A 12 25.68 9.98 -13.60
N PRO A 13 24.70 10.89 -13.81
CA PRO A 13 23.29 10.59 -14.09
C PRO A 13 23.07 10.08 -15.50
N LYS A 14 22.10 9.21 -15.66
CA LYS A 14 21.64 8.82 -16.99
C LYS A 14 21.08 10.06 -17.70
N ALA A 15 21.12 10.05 -19.03
CA ALA A 15 20.70 11.23 -19.77
C ALA A 15 19.17 11.34 -19.70
N THR A 16 18.71 12.57 -19.68
CA THR A 16 17.30 12.88 -19.81
C THR A 16 16.88 12.50 -21.23
N PRO A 17 15.60 12.20 -21.44
CA PRO A 17 15.18 11.92 -22.81
C PRO A 17 14.58 13.19 -23.41
N GLN A 18 15.02 13.55 -24.61
CA GLN A 18 14.44 14.76 -25.17
C GLN A 18 12.97 14.50 -25.38
N LEU A 19 12.25 15.57 -25.08
CA LEU A 19 10.77 15.63 -25.06
C LEU A 19 10.41 16.95 -25.76
N PRO A 20 9.30 16.89 -26.50
CA PRO A 20 8.79 18.11 -27.08
C PRO A 20 8.36 19.12 -26.03
N ASN A 21 8.40 20.37 -26.44
CA ASN A 21 7.98 21.51 -25.70
C ASN A 21 6.48 21.50 -25.42
N SER A 22 5.76 20.79 -26.27
CA SER A 22 4.31 20.79 -26.25
C SER A 22 3.79 19.54 -25.51
N VAL A 23 2.86 19.74 -24.58
CA VAL A 23 2.33 18.59 -23.82
C VAL A 23 1.58 17.60 -24.75
N PHE A 24 0.83 18.12 -25.73
CA PHE A 24 0.10 17.25 -26.65
C PHE A 24 1.01 16.39 -27.55
N ASP A 25 2.08 17.00 -28.06
CA ASP A 25 3.12 16.28 -28.80
C ASP A 25 3.77 15.13 -28.03
N MET A 26 3.82 15.22 -26.71
CA MET A 26 4.30 14.08 -25.88
C MET A 26 3.43 12.83 -26.02
N PHE A 27 2.14 13.02 -26.32
CA PHE A 27 1.20 11.88 -26.46
C PHE A 27 1.27 11.21 -27.82
N SER A 28 1.95 11.84 -28.76
CA SER A 28 1.91 11.36 -30.15
C SER A 28 2.43 9.93 -30.23
N MET A 29 1.69 9.08 -30.94
CA MET A 29 2.13 7.70 -31.16
C MET A 29 2.60 7.44 -32.61
N LYS A 30 2.76 8.51 -33.38
CA LYS A 30 3.18 8.43 -34.78
C LYS A 30 4.53 7.74 -34.86
N GLY A 31 4.65 6.72 -35.74
CA GLY A 31 5.89 5.98 -35.95
C GLY A 31 6.00 4.81 -34.97
N LYS A 32 5.12 4.78 -33.98
CA LYS A 32 5.13 3.75 -32.93
C LYS A 32 4.03 2.69 -33.18
N VAL A 33 4.33 1.49 -32.72
CA VAL A 33 3.48 0.33 -32.90
C VAL A 33 3.03 -0.20 -31.55
N THR A 34 1.73 -0.34 -31.39
CA THR A 34 1.16 -0.86 -30.16
C THR A 34 0.39 -2.11 -30.47
N ALA A 35 0.69 -3.19 -29.76
CA ALA A 35 -0.09 -4.43 -29.83
C ALA A 35 -0.99 -4.53 -28.59
N ILE A 36 -2.24 -4.93 -28.77
CA ILE A 36 -3.20 -4.91 -27.68
C ILE A 36 -3.99 -6.20 -27.64
N THR A 37 -3.78 -7.02 -26.60
CA THR A 37 -4.59 -8.23 -26.43
C THR A 37 -5.95 -7.85 -25.85
N GLY A 38 -6.96 -8.70 -26.05
CA GLY A 38 -8.34 -8.32 -25.73
C GLY A 38 -8.77 -7.17 -26.62
N GLY A 39 -8.17 -7.10 -27.81
CA GLY A 39 -8.35 -5.96 -28.72
C GLY A 39 -9.75 -5.84 -29.29
N GLY A 40 -10.50 -6.93 -29.27
CA GLY A 40 -11.94 -6.89 -29.64
C GLY A 40 -12.84 -6.48 -28.51
N GLY A 41 -12.30 -6.42 -27.31
CA GLY A 41 -13.11 -6.20 -26.10
C GLY A 41 -13.31 -4.72 -25.79
N GLY A 42 -14.07 -4.44 -24.72
CA GLY A 42 -14.40 -3.07 -24.33
C GLY A 42 -13.20 -2.17 -24.06
N ILE A 43 -12.42 -2.51 -23.04
CA ILE A 43 -11.28 -1.69 -22.68
C ILE A 43 -10.20 -1.69 -23.80
N GLY A 44 -9.95 -2.85 -24.40
CA GLY A 44 -8.87 -3.01 -25.35
C GLY A 44 -9.08 -2.22 -26.62
N PHE A 45 -10.32 -2.19 -27.13
CA PHE A 45 -10.62 -1.40 -28.31
C PHE A 45 -10.64 0.11 -28.00
N ALA A 46 -11.13 0.49 -26.81
CA ALA A 46 -11.03 1.89 -26.38
C ALA A 46 -9.55 2.37 -26.39
N ALA A 47 -8.67 1.57 -25.80
CA ALA A 47 -7.23 1.85 -25.83
C ALA A 47 -6.71 2.00 -27.26
N ALA A 48 -7.09 1.08 -28.14
CA ALA A 48 -6.73 1.10 -29.54
C ALA A 48 -7.15 2.40 -30.24
N GLU A 49 -8.37 2.85 -29.93
CA GLU A 49 -8.86 4.11 -30.45
C GLU A 49 -8.05 5.31 -29.98
N ALA A 50 -7.67 5.31 -28.69
CA ALA A 50 -6.82 6.39 -28.16
C ALA A 50 -5.45 6.42 -28.87
N ILE A 51 -4.86 5.25 -29.04
CA ILE A 51 -3.54 5.16 -29.64
C ILE A 51 -3.60 5.51 -31.13
N ALA A 52 -4.61 5.00 -31.85
CA ALA A 52 -4.81 5.36 -33.27
C ALA A 52 -5.07 6.87 -33.45
N GLU A 53 -5.82 7.48 -32.54
CA GLU A 53 -6.02 8.94 -32.55
C GLU A 53 -4.71 9.74 -32.40
N ALA A 54 -3.82 9.23 -31.56
CA ALA A 54 -2.49 9.83 -31.41
C ALA A 54 -1.57 9.53 -32.57
N GLY A 55 -2.11 8.88 -33.62
CA GLY A 55 -1.35 8.57 -34.85
C GLY A 55 -0.57 7.26 -34.81
N GLY A 56 -0.82 6.44 -33.80
CA GLY A 56 -0.10 5.19 -33.64
C GLY A 56 -0.65 4.10 -34.49
N ASP A 57 0.20 3.16 -34.88
CA ASP A 57 -0.28 1.92 -35.54
C ASP A 57 -0.66 0.89 -34.48
N VAL A 58 -1.71 0.13 -34.76
CA VAL A 58 -2.28 -0.81 -33.79
C VAL A 58 -2.37 -2.22 -34.34
N ALA A 59 -1.83 -3.18 -33.59
CA ALA A 59 -2.07 -4.59 -33.83
C ALA A 59 -3.15 -5.04 -32.85
N LEU A 60 -4.28 -5.49 -33.37
CA LEU A 60 -5.39 -5.91 -32.49
C LEU A 60 -5.34 -7.42 -32.30
N LEU A 61 -5.01 -7.86 -31.08
CA LEU A 61 -4.92 -9.28 -30.78
C LEU A 61 -6.23 -9.75 -30.13
N TYR A 62 -6.78 -10.84 -30.67
CA TYR A 62 -8.11 -11.32 -30.31
C TYR A 62 -8.05 -12.84 -30.35
N ARG A 63 -9.05 -13.48 -29.72
CA ARG A 63 -9.18 -14.93 -29.71
C ARG A 63 -10.45 -15.38 -30.43
N SER A 64 -11.62 -14.95 -29.94
CA SER A 64 -12.92 -15.40 -30.45
C SER A 64 -13.77 -14.25 -31.00
N ALA A 65 -13.33 -13.01 -30.78
CA ALA A 65 -14.04 -11.83 -31.26
C ALA A 65 -14.29 -11.93 -32.78
N PRO A 66 -15.53 -11.64 -33.22
CA PRO A 66 -15.82 -11.73 -34.63
C PRO A 66 -15.47 -10.43 -35.36
N ASN A 67 -15.44 -10.50 -36.69
CA ASN A 67 -15.32 -9.33 -37.58
C ASN A 67 -14.12 -8.45 -37.31
N MET A 68 -13.06 -9.03 -36.76
CA MET A 68 -11.89 -8.27 -36.41
C MET A 68 -11.15 -7.66 -37.61
N GLU A 69 -11.10 -8.37 -38.72
CA GLU A 69 -10.53 -7.81 -39.96
C GLU A 69 -11.29 -6.55 -40.38
N GLU A 70 -12.63 -6.61 -40.28
CA GLU A 70 -13.48 -5.50 -40.65
C GLU A 70 -13.31 -4.33 -39.66
N ARG A 71 -13.32 -4.63 -38.37
CA ARG A 71 -13.22 -3.59 -37.37
C ARG A 71 -11.82 -2.92 -37.44
N SER A 72 -10.80 -3.70 -37.72
CA SER A 72 -9.43 -3.20 -37.89
C SER A 72 -9.34 -2.22 -39.06
N ALA A 73 -9.91 -2.60 -40.19
CA ALA A 73 -9.91 -1.73 -41.37
C ALA A 73 -10.68 -0.44 -41.13
N GLU A 74 -11.77 -0.53 -40.40
CA GLU A 74 -12.56 0.65 -40.04
C GLU A 74 -11.74 1.63 -39.17
N LEU A 75 -11.03 1.09 -38.20
CA LEU A 75 -10.22 1.91 -37.30
C LEU A 75 -9.03 2.53 -38.10
N ALA A 76 -8.45 1.75 -39.00
CA ALA A 76 -7.36 2.21 -39.87
C ALA A 76 -7.78 3.41 -40.69
N LYS A 77 -8.97 3.30 -41.31
CA LYS A 77 -9.50 4.35 -42.17
C LYS A 77 -9.89 5.56 -41.33
N ARG A 78 -10.49 5.32 -40.17
CA ARG A 78 -10.91 6.40 -39.28
C ARG A 78 -9.78 7.34 -38.89
N PHE A 79 -8.60 6.78 -38.58
CA PHE A 79 -7.52 7.58 -38.06
C PHE A 79 -6.34 7.73 -39.02
N GLY A 80 -6.38 7.04 -40.15
CA GLY A 80 -5.28 7.06 -41.12
C GLY A 80 -4.02 6.39 -40.59
N VAL A 81 -4.20 5.26 -39.91
CA VAL A 81 -3.05 4.50 -39.39
C VAL A 81 -3.12 3.07 -39.92
N LYS A 82 -2.07 2.30 -39.70
CA LYS A 82 -2.10 0.89 -40.06
C LYS A 82 -2.67 0.12 -38.85
N VAL A 83 -3.66 -0.70 -39.11
CA VAL A 83 -4.27 -1.57 -38.09
C VAL A 83 -4.40 -2.95 -38.72
N LYS A 84 -3.93 -3.96 -38.00
CA LYS A 84 -4.06 -5.33 -38.43
C LYS A 84 -4.41 -6.21 -37.23
N SER A 85 -5.27 -7.20 -37.46
CA SER A 85 -5.66 -8.11 -36.39
C SER A 85 -4.88 -9.44 -36.42
N TYR A 86 -4.71 -10.02 -35.24
CA TYR A 86 -3.98 -11.28 -35.10
C TYR A 86 -4.72 -12.17 -34.12
N GLN A 87 -4.89 -13.41 -34.50
CA GLN A 87 -5.41 -14.41 -33.60
C GLN A 87 -4.31 -14.73 -32.57
N CYS A 88 -4.67 -14.60 -31.30
CA CYS A 88 -3.75 -14.92 -30.21
C CYS A 88 -4.50 -15.49 -29.03
N GLU A 89 -4.16 -16.71 -28.66
CA GLU A 89 -4.65 -17.38 -27.44
C GLU A 89 -3.65 -17.11 -26.33
N VAL A 90 -4.02 -16.26 -25.37
CA VAL A 90 -3.01 -15.73 -24.44
C VAL A 90 -2.51 -16.74 -23.38
N THR A 91 -3.23 -17.87 -23.23
CA THR A 91 -2.83 -18.89 -22.27
C THR A 91 -1.80 -19.85 -22.88
N GLU A 92 -1.50 -19.63 -24.16
CA GLU A 92 -0.52 -20.44 -24.87
C GLU A 92 0.67 -19.59 -25.24
N HIS A 93 1.83 -19.88 -24.62
CA HIS A 93 3.03 -19.13 -24.89
C HIS A 93 3.36 -19.06 -26.39
N GLU A 94 3.24 -20.19 -27.08
CA GLU A 94 3.51 -20.26 -28.51
C GLU A 94 2.62 -19.27 -29.33
N SER A 95 1.33 -19.22 -29.02
CA SER A 95 0.42 -18.26 -29.67
C SER A 95 0.84 -16.81 -29.38
N VAL A 96 1.13 -16.51 -28.12
CA VAL A 96 1.57 -15.16 -27.71
C VAL A 96 2.87 -14.78 -28.44
N LYS A 97 3.85 -15.68 -28.43
CA LYS A 97 5.12 -15.46 -29.10
C LYS A 97 4.96 -15.21 -30.61
N GLN A 98 4.16 -16.06 -31.25
CA GLN A 98 3.89 -15.98 -32.68
C GLN A 98 3.23 -14.65 -33.09
N ALA A 99 2.23 -14.19 -32.31
CA ALA A 99 1.57 -12.91 -32.62
C ALA A 99 2.56 -11.75 -32.49
N ILE A 100 3.38 -11.81 -31.43
CA ILE A 100 4.41 -10.79 -31.22
C ILE A 100 5.39 -10.75 -32.40
N GLU A 101 5.82 -11.93 -32.88
CA GLU A 101 6.76 -12.03 -33.99
C GLU A 101 6.13 -11.64 -35.35
N ALA A 102 4.85 -11.94 -35.51
CA ALA A 102 4.11 -11.50 -36.69
C ALA A 102 4.01 -9.99 -36.73
N VAL A 103 3.59 -9.36 -35.62
CA VAL A 103 3.55 -7.88 -35.61
C VAL A 103 4.91 -7.22 -35.83
N GLU A 104 5.96 -7.81 -35.24
CA GLU A 104 7.32 -7.33 -35.41
C GLU A 104 7.75 -7.35 -36.89
N LYS A 105 7.42 -8.46 -37.55
CA LYS A 105 7.70 -8.70 -38.96
C LYS A 105 6.87 -7.78 -39.88
N ASP A 106 5.56 -7.69 -39.62
CA ASP A 106 4.66 -6.85 -40.41
C ASP A 106 4.91 -5.34 -40.23
N PHE A 107 4.96 -4.87 -38.98
CA PHE A 107 5.12 -3.46 -38.66
C PHE A 107 6.57 -3.03 -38.49
N GLY A 108 7.47 -3.98 -38.36
CA GLY A 108 8.91 -3.71 -38.28
C GLY A 108 9.46 -3.40 -36.90
N ARG A 109 8.58 -3.17 -35.93
CA ARG A 109 8.95 -2.76 -34.55
C ARG A 109 7.76 -3.00 -33.59
N LEU A 110 8.01 -2.84 -32.30
CA LEU A 110 6.95 -2.94 -31.28
C LEU A 110 7.31 -2.04 -30.13
N ASP A 111 6.53 -0.95 -30.00
CA ASP A 111 6.83 0.09 -29.02
C ASP A 111 6.04 -0.06 -27.73
N CYS A 112 4.83 -0.60 -27.84
CA CYS A 112 3.97 -0.75 -26.69
C CYS A 112 3.21 -2.05 -26.82
N TYR A 113 3.27 -2.85 -25.77
CA TYR A 113 2.45 -4.04 -25.65
C TYR A 113 1.50 -3.79 -24.51
N ILE A 114 0.22 -3.98 -24.77
CA ILE A 114 -0.79 -3.85 -23.73
C ILE A 114 -1.39 -5.24 -23.42
N ALA A 115 -0.94 -5.81 -22.32
CA ALA A 115 -1.45 -7.10 -21.85
C ALA A 115 -2.81 -6.87 -21.22
N ASN A 116 -3.85 -6.82 -22.06
CA ASN A 116 -5.18 -6.46 -21.63
C ASN A 116 -6.18 -7.62 -21.54
N ALA A 117 -5.94 -8.72 -22.25
CA ALA A 117 -6.79 -9.89 -22.16
C ALA A 117 -6.87 -10.41 -20.70
N GLY A 118 -8.05 -10.87 -20.30
CA GLY A 118 -8.24 -11.36 -18.96
C GLY A 118 -9.56 -12.08 -18.87
N GLY A 119 -9.75 -12.73 -17.74
CA GLY A 119 -10.94 -13.56 -17.51
C GLY A 119 -10.68 -14.40 -16.26
N GLY A 120 -11.29 -15.56 -16.18
CA GLY A 120 -11.14 -16.40 -15.01
C GLY A 120 -12.46 -16.97 -14.54
N VAL A 121 -12.38 -17.80 -13.49
CA VAL A 121 -13.57 -18.41 -12.94
C VAL A 121 -13.77 -18.13 -11.47
N PRO A 122 -14.88 -17.46 -11.14
CA PRO A 122 -15.21 -17.13 -9.77
C PRO A 122 -15.49 -18.40 -8.97
N GLY A 123 -15.41 -18.26 -7.65
CA GLY A 123 -15.79 -19.34 -6.75
C GLY A 123 -15.00 -19.31 -5.47
N SER A 124 -15.66 -19.73 -4.40
CA SER A 124 -15.03 -19.92 -3.11
C SER A 124 -13.94 -20.94 -3.24
N ILE A 125 -12.94 -20.85 -2.38
CA ILE A 125 -11.84 -21.82 -2.39
C ILE A 125 -12.19 -22.90 -1.38
N ASN A 126 -12.49 -24.09 -1.90
CA ASN A 126 -12.80 -25.28 -1.13
C ASN A 126 -12.71 -26.44 -2.12
N PRO A 127 -12.99 -27.69 -1.66
CA PRO A 127 -12.93 -28.85 -2.58
C PRO A 127 -13.88 -28.88 -3.78
N ASP A 128 -14.85 -27.97 -3.84
CA ASP A 128 -15.71 -27.83 -5.01
C ASP A 128 -15.12 -26.89 -6.07
N TYR A 129 -13.98 -26.26 -5.77
CA TYR A 129 -13.32 -25.40 -6.75
C TYR A 129 -12.35 -26.26 -7.55
N PRO A 130 -12.61 -26.43 -8.87
CA PRO A 130 -11.79 -27.33 -9.67
C PRO A 130 -10.34 -26.82 -9.77
N LEU A 131 -9.38 -27.73 -9.80
CA LEU A 131 -8.01 -27.33 -9.96
C LEU A 131 -7.84 -26.59 -11.30
N GLU A 132 -8.55 -27.02 -12.34
CA GLU A 132 -8.43 -26.39 -13.66
C GLU A 132 -8.96 -24.95 -13.69
N ALA A 133 -9.93 -24.67 -12.83
CA ALA A 133 -10.47 -23.32 -12.69
C ALA A 133 -9.38 -22.40 -12.18
N TRP A 134 -8.68 -22.85 -11.14
CA TRP A 134 -7.56 -22.08 -10.60
C TRP A 134 -6.51 -21.79 -11.69
N HIS A 135 -6.12 -22.82 -12.44
CA HIS A 135 -5.06 -22.72 -13.42
C HIS A 135 -5.46 -21.97 -14.69
N LYS A 136 -6.72 -22.10 -15.13
CA LYS A 136 -7.22 -21.31 -16.25
C LYS A 136 -7.15 -19.84 -15.88
N THR A 137 -7.65 -19.51 -14.68
CA THR A 137 -7.60 -18.12 -14.18
C THR A 137 -6.17 -17.53 -14.12
N GLN A 138 -5.23 -18.27 -13.50
CA GLN A 138 -3.84 -17.83 -13.47
C GLN A 138 -3.23 -17.71 -14.88
N SER A 139 -3.55 -18.65 -15.76
CA SER A 139 -3.05 -18.63 -17.13
C SER A 139 -3.48 -17.40 -17.91
N VAL A 140 -4.78 -17.09 -17.83
CA VAL A 140 -5.34 -16.04 -18.66
C VAL A 140 -4.88 -14.63 -18.21
N ASN A 141 -4.73 -14.43 -16.90
CA ASN A 141 -4.32 -13.14 -16.35
C ASN A 141 -2.81 -13.02 -16.15
N LEU A 142 -2.21 -14.01 -15.48
CA LEU A 142 -0.82 -13.94 -15.04
C LEU A 142 0.15 -14.53 -16.05
N HIS A 143 -0.01 -15.80 -16.38
CA HIS A 143 0.94 -16.45 -17.28
C HIS A 143 1.03 -15.74 -18.65
N SER A 144 -0.12 -15.26 -19.15
CA SER A 144 -0.21 -14.56 -20.42
C SER A 144 0.70 -13.36 -20.47
N THR A 145 0.67 -12.60 -19.37
CA THR A 145 1.47 -11.42 -19.21
C THR A 145 2.95 -11.79 -19.20
N PHE A 146 3.30 -12.82 -18.44
CA PHE A 146 4.68 -13.31 -18.47
C PHE A 146 5.15 -13.73 -19.87
N TYR A 147 4.27 -14.41 -20.61
CA TYR A 147 4.58 -14.93 -21.94
C TYR A 147 4.85 -13.75 -22.87
N ALA A 148 4.04 -12.70 -22.74
CA ALA A 148 4.19 -11.49 -23.52
C ALA A 148 5.48 -10.75 -23.14
N ALA A 149 5.68 -10.53 -21.84
CA ALA A 149 6.84 -9.80 -21.34
C ALA A 149 8.15 -10.43 -21.80
N ARG A 150 8.15 -11.76 -21.77
CA ARG A 150 9.33 -12.52 -22.06
C ARG A 150 9.83 -12.30 -23.50
N GLU A 151 8.88 -12.24 -24.44
CA GLU A 151 9.20 -12.02 -25.85
C GLU A 151 9.36 -10.55 -26.17
N CYS A 152 8.62 -9.68 -25.49
CA CYS A 152 8.79 -8.22 -25.62
C CYS A 152 10.15 -7.75 -25.15
N ALA A 153 10.66 -8.39 -24.09
CA ALA A 153 12.00 -8.05 -23.58
C ALA A 153 13.03 -7.95 -24.71
N ARG A 154 13.05 -8.94 -25.58
CA ARG A 154 13.98 -9.01 -26.71
C ARG A 154 13.84 -7.83 -27.65
N ILE A 155 12.59 -7.52 -28.03
CA ILE A 155 12.32 -6.43 -28.96
C ILE A 155 12.70 -5.08 -28.31
N PHE A 156 12.28 -4.87 -27.06
CA PHE A 156 12.56 -3.60 -26.39
C PHE A 156 14.07 -3.37 -26.19
N LYS A 157 14.77 -4.43 -25.76
CA LYS A 157 16.20 -4.35 -25.57
C LYS A 157 16.91 -3.96 -26.89
N ALA A 158 16.49 -4.57 -27.99
CA ALA A 158 17.06 -4.30 -29.32
C ALA A 158 16.75 -2.86 -29.77
N GLN A 159 15.55 -2.39 -29.48
CA GLN A 159 15.13 -0.99 -29.74
C GLN A 159 15.77 0.02 -28.79
N GLY A 160 16.10 -0.42 -27.57
CA GLY A 160 16.51 0.48 -26.50
C GLY A 160 15.37 1.34 -25.97
N SER A 161 14.12 0.97 -26.30
CA SER A 161 12.93 1.69 -25.85
C SER A 161 11.71 0.79 -25.89
N GLY A 162 10.72 1.09 -25.04
CA GLY A 162 9.51 0.29 -25.00
C GLY A 162 8.59 0.64 -23.85
N SER A 163 7.31 0.39 -24.03
CA SER A 163 6.37 0.61 -22.98
C SER A 163 5.43 -0.58 -22.83
N PHE A 164 5.49 -1.23 -21.67
CA PHE A 164 4.69 -2.40 -21.37
C PHE A 164 3.60 -1.99 -20.37
N ILE A 165 2.35 -2.30 -20.74
CA ILE A 165 1.17 -1.93 -19.94
C ILE A 165 0.40 -3.22 -19.73
N ALA A 166 -0.01 -3.48 -18.47
CA ALA A 166 -0.93 -4.57 -18.18
C ALA A 166 -2.18 -3.99 -17.56
N THR A 167 -3.32 -4.50 -18.00
CA THR A 167 -4.56 -4.14 -17.37
C THR A 167 -4.75 -5.03 -16.18
N THR A 168 -4.64 -4.44 -15.00
CA THR A 168 -4.88 -5.20 -13.78
C THR A 168 -6.31 -4.94 -13.33
N SER A 169 -6.52 -4.60 -12.07
CA SER A 169 -7.88 -4.37 -11.57
C SER A 169 -7.80 -3.90 -10.12
N ILE A 170 -8.87 -3.26 -9.67
CA ILE A 170 -9.10 -3.07 -8.25
C ILE A 170 -8.98 -4.39 -7.48
N SER A 171 -9.31 -5.49 -8.15
CA SER A 171 -9.22 -6.84 -7.58
C SER A 171 -7.79 -7.24 -7.19
N ALA A 172 -6.79 -6.55 -7.74
CA ALA A 172 -5.41 -6.71 -7.32
C ALA A 172 -5.15 -6.16 -5.94
N ARG A 173 -5.91 -5.13 -5.54
CA ARG A 173 -5.73 -4.52 -4.21
C ARG A 173 -6.89 -4.71 -3.23
N ILE A 174 -8.10 -4.94 -3.72
CA ILE A 174 -9.22 -5.27 -2.81
C ILE A 174 -9.85 -6.65 -3.11
N VAL A 175 -10.73 -7.07 -2.23
CA VAL A 175 -11.41 -8.33 -2.39
C VAL A 175 -12.86 -8.05 -2.86
N ASN A 176 -13.26 -8.64 -3.97
CA ASN A 176 -14.61 -8.47 -4.52
C ASN A 176 -15.67 -9.18 -3.68
N VAL A 177 -16.84 -8.56 -3.56
CA VAL A 177 -18.01 -9.14 -2.88
C VAL A 177 -19.24 -8.82 -3.74
N PRO A 178 -20.31 -9.64 -3.63
CA PRO A 178 -20.47 -10.81 -2.74
C PRO A 178 -19.90 -12.11 -3.28
N TYR A 179 -19.48 -12.13 -4.54
CA TYR A 179 -19.02 -13.38 -5.15
C TYR A 179 -17.51 -13.59 -5.02
N ASP A 180 -17.13 -14.49 -4.13
CA ASP A 180 -15.71 -14.76 -3.90
C ASP A 180 -14.95 -15.15 -5.19
N GLN A 181 -13.80 -14.55 -5.38
CA GLN A 181 -12.95 -14.91 -6.50
C GLN A 181 -11.45 -14.78 -6.12
N PRO A 182 -11.02 -15.52 -5.09
CA PRO A 182 -9.58 -15.49 -4.78
C PRO A 182 -8.63 -15.73 -5.96
N ALA A 183 -8.95 -16.64 -6.87
CA ALA A 183 -8.08 -16.96 -8.01
C ALA A 183 -7.82 -15.76 -8.90
N TYR A 184 -8.89 -15.08 -9.29
CA TYR A 184 -8.80 -13.87 -10.11
C TYR A 184 -8.11 -12.77 -9.35
N ASN A 185 -8.45 -12.60 -8.06
CA ASN A 185 -7.83 -11.52 -7.28
C ASN A 185 -6.31 -11.72 -7.17
N SER A 186 -5.89 -12.93 -6.84
CA SER A 186 -4.50 -13.18 -6.65
C SER A 186 -3.73 -13.04 -7.99
N SER A 187 -4.39 -13.41 -9.10
CA SER A 187 -3.74 -13.38 -10.42
C SER A 187 -3.40 -11.94 -10.84
N LYS A 188 -4.33 -11.03 -10.57
CA LYS A 188 -4.16 -9.59 -10.83
C LYS A 188 -3.13 -8.92 -9.89
N ALA A 189 -3.14 -9.29 -8.62
CA ALA A 189 -2.09 -8.85 -7.68
C ALA A 189 -0.69 -9.31 -8.13
N ALA A 190 -0.62 -10.55 -8.60
CA ALA A 190 0.63 -11.10 -9.16
C ALA A 190 1.12 -10.28 -10.37
N VAL A 191 0.20 -9.85 -11.23
CA VAL A 191 0.55 -9.06 -12.41
C VAL A 191 1.06 -7.67 -12.06
N VAL A 192 0.41 -7.02 -11.09
CA VAL A 192 0.83 -5.69 -10.60
C VAL A 192 2.29 -5.73 -10.13
N HIS A 193 2.62 -6.71 -9.29
CA HIS A 193 3.98 -6.76 -8.78
C HIS A 193 4.98 -7.39 -9.78
N PHE A 194 4.49 -8.26 -10.64
CA PHE A 194 5.28 -8.76 -11.76
C PHE A 194 5.76 -7.58 -12.58
N CYS A 195 4.83 -6.72 -12.97
CA CYS A 195 5.15 -5.51 -13.72
C CYS A 195 6.12 -4.59 -12.96
N ARG A 196 5.89 -4.39 -11.68
CA ARG A 196 6.82 -3.61 -10.87
C ARG A 196 8.22 -4.23 -10.95
N SER A 197 8.29 -5.57 -10.92
CA SER A 197 9.57 -6.27 -10.99
C SER A 197 10.27 -6.06 -12.35
N LEU A 198 9.47 -5.99 -13.41
CA LEU A 198 9.95 -5.79 -14.77
C LEU A 198 10.49 -4.40 -14.97
N ALA A 199 9.82 -3.41 -14.35
CA ALA A 199 10.26 -2.02 -14.42
C ALA A 199 11.71 -1.87 -13.96
N ARG A 200 12.10 -2.59 -12.91
CA ARG A 200 13.53 -2.59 -12.49
C ARG A 200 14.37 -3.39 -13.46
N ASP A 201 13.96 -4.62 -13.73
CA ASP A 201 14.64 -5.55 -14.62
C ASP A 201 14.88 -4.94 -16.04
N TRP A 202 13.96 -4.24 -16.71
CA TRP A 202 14.08 -3.63 -18.08
C TRP A 202 14.49 -2.18 -18.14
N ARG A 203 14.94 -1.81 -16.99
CA ARG A 203 15.46 -0.52 -16.67
C ARG A 203 16.03 0.17 -17.91
N ASN A 204 17.14 -0.30 -18.42
CA ASN A 204 17.86 0.24 -19.54
C ASN A 204 17.11 0.23 -20.87
N PHE A 205 15.86 -0.24 -20.93
CA PHE A 205 15.31 -0.26 -22.30
C PHE A 205 13.80 -0.10 -22.41
N ALA A 206 13.12 -0.09 -21.23
CA ALA A 206 11.65 -0.04 -21.22
C ALA A 206 11.08 0.52 -19.96
N ARG A 207 9.89 1.11 -20.09
CA ARG A 207 9.06 1.40 -18.93
C ARG A 207 7.95 0.36 -18.83
N VAL A 208 7.52 0.08 -17.60
CA VAL A 208 6.41 -0.85 -17.35
C VAL A 208 5.52 -0.40 -16.20
N ASN A 209 4.22 -0.42 -16.48
CA ASN A 209 3.22 0.16 -15.60
C ASN A 209 1.93 -0.64 -15.72
N THR A 210 0.99 -0.39 -14.82
CA THR A 210 -0.30 -1.05 -14.91
C THR A 210 -1.41 -0.05 -14.77
N ILE A 211 -2.55 -0.39 -15.33
CA ILE A 211 -3.77 0.38 -15.14
C ILE A 211 -4.72 -0.54 -14.41
N SER A 212 -5.21 -0.09 -13.27
CA SER A 212 -6.17 -0.88 -12.48
C SER A 212 -7.56 -0.27 -12.58
N PRO A 213 -8.40 -0.80 -13.49
CA PRO A 213 -9.77 -0.24 -13.54
C PRO A 213 -10.61 -0.76 -12.35
N GLY A 214 -11.55 0.06 -11.90
CA GLY A 214 -12.66 -0.38 -11.09
C GLY A 214 -13.64 -1.03 -12.02
N PHE A 215 -14.92 -1.10 -11.64
CA PHE A 215 -15.92 -1.71 -12.51
C PHE A 215 -16.23 -0.82 -13.71
N PHE A 216 -16.25 -1.42 -14.88
CA PHE A 216 -16.59 -0.73 -16.11
C PHE A 216 -17.68 -1.45 -16.83
N ASP A 217 -18.49 -0.67 -17.56
CA ASP A 217 -19.57 -1.18 -18.36
C ASP A 217 -19.02 -1.91 -19.60
N THR A 218 -18.74 -3.21 -19.44
CA THR A 218 -18.24 -4.09 -20.50
C THR A 218 -18.79 -5.47 -20.13
N PRO A 219 -18.61 -6.50 -21.00
CA PRO A 219 -19.07 -7.85 -20.60
C PRO A 219 -18.40 -8.39 -19.33
N MET A 220 -17.33 -7.76 -18.87
CA MET A 220 -16.69 -8.16 -17.62
C MET A 220 -17.03 -7.22 -16.45
N GLY A 221 -18.03 -6.35 -16.66
CA GLY A 221 -18.52 -5.47 -15.60
C GLY A 221 -19.40 -6.21 -14.60
N PRO A 222 -20.15 -5.48 -13.76
CA PRO A 222 -20.94 -6.14 -12.67
C PRO A 222 -21.83 -7.30 -13.16
N SER A 223 -21.60 -8.47 -12.60
CA SER A 223 -22.31 -9.73 -12.95
C SER A 223 -23.84 -9.61 -12.92
N ASP A 224 -24.37 -8.99 -11.87
CA ASP A 224 -25.80 -8.94 -11.64
C ASP A 224 -26.12 -7.78 -10.70
N LYS A 225 -27.38 -7.69 -10.29
CA LYS A 225 -27.85 -6.63 -9.40
C LYS A 225 -27.09 -6.57 -8.07
N ALA A 226 -26.73 -7.72 -7.52
CA ALA A 226 -26.00 -7.77 -6.24
C ALA A 226 -24.62 -7.10 -6.33
N VAL A 227 -23.89 -7.40 -7.40
CA VAL A 227 -22.61 -6.69 -7.66
C VAL A 227 -22.87 -5.20 -7.93
N GLU A 228 -23.88 -4.90 -8.75
CA GLU A 228 -24.29 -3.52 -9.02
C GLU A 228 -24.53 -2.72 -7.74
N ASP A 229 -25.28 -3.34 -6.81
CA ASP A 229 -25.59 -2.71 -5.52
C ASP A 229 -24.35 -2.45 -4.70
N VAL A 230 -23.42 -3.40 -4.69
CA VAL A 230 -22.15 -3.16 -4.02
C VAL A 230 -21.41 -2.00 -4.69
N LEU A 231 -21.36 -2.01 -6.02
CA LEU A 231 -20.67 -0.94 -6.75
C LEU A 231 -21.26 0.43 -6.42
N TYR A 232 -22.59 0.51 -6.38
CA TYR A 232 -23.23 1.81 -6.28
C TYR A 232 -22.96 2.47 -4.95
N GLN A 233 -22.64 1.66 -3.92
CA GLN A 233 -22.29 2.20 -2.62
C GLN A 233 -20.79 2.31 -2.33
N LYS A 234 -19.98 1.50 -3.01
CA LYS A 234 -18.53 1.55 -2.83
C LYS A 234 -17.87 2.65 -3.66
N SER A 235 -18.17 2.67 -4.95
CA SER A 235 -17.77 3.75 -5.85
C SER A 235 -18.42 5.03 -5.37
N VAL A 236 -17.58 6.02 -5.06
CA VAL A 236 -18.06 7.30 -4.58
C VAL A 236 -18.79 8.07 -5.70
N LEU A 237 -18.57 7.66 -6.95
CA LEU A 237 -19.27 8.26 -8.09
C LEU A 237 -20.62 7.56 -8.40
N GLY A 238 -20.95 6.50 -7.65
CA GLY A 238 -22.23 5.84 -7.75
C GLY A 238 -22.60 5.19 -9.07
N ARG A 239 -21.59 4.69 -9.79
CA ARG A 239 -21.78 4.17 -11.14
C ARG A 239 -20.53 3.39 -11.60
N ALA A 240 -20.73 2.62 -12.67
CA ALA A 240 -19.70 1.95 -13.38
C ALA A 240 -19.01 2.96 -14.32
N GLY A 241 -17.74 2.70 -14.60
CA GLY A 241 -17.01 3.45 -15.59
C GLY A 241 -17.46 3.20 -17.03
N ASP A 242 -17.20 4.17 -17.89
CA ASP A 242 -17.34 4.03 -19.31
C ASP A 242 -15.92 3.93 -19.85
N VAL A 243 -15.66 2.98 -20.74
CA VAL A 243 -14.31 2.72 -21.22
C VAL A 243 -13.59 3.97 -21.81
N LYS A 244 -14.36 4.98 -22.24
CA LYS A 244 -13.76 6.25 -22.66
C LYS A 244 -12.88 6.86 -21.58
N GLU A 245 -13.21 6.59 -20.32
CA GLU A 245 -12.42 7.17 -19.25
C GLU A 245 -11.20 6.39 -18.83
N LEU A 246 -10.88 5.33 -19.57
CA LEU A 246 -9.59 4.66 -19.47
C LEU A 246 -8.66 5.10 -20.60
N LYS A 247 -9.24 5.68 -21.64
CA LYS A 247 -8.52 5.98 -22.88
C LYS A 247 -7.25 6.82 -22.69
N ALA A 248 -7.39 7.93 -21.97
CA ALA A 248 -6.33 8.88 -21.78
C ALA A 248 -5.17 8.28 -20.98
N ALA A 249 -5.51 7.36 -20.09
CA ALA A 249 -4.53 6.67 -19.24
C ALA A 249 -3.67 5.69 -20.03
N TYR A 250 -4.29 4.92 -20.94
CA TYR A 250 -3.53 4.04 -21.82
C TYR A 250 -2.60 4.84 -22.73
N LEU A 251 -3.10 5.94 -23.29
CA LEU A 251 -2.25 6.80 -24.14
C LEU A 251 -1.14 7.46 -23.31
N TYR A 252 -1.45 7.84 -22.06
CA TYR A 252 -0.49 8.47 -21.20
C TYR A 252 0.77 7.56 -21.07
N LEU A 253 0.50 6.34 -20.64
CA LEU A 253 1.51 5.33 -20.43
C LEU A 253 2.21 4.86 -21.70
N ALA A 254 1.46 4.80 -22.81
CA ALA A 254 1.99 4.27 -24.04
C ALA A 254 2.99 5.22 -24.73
N SER A 255 2.89 6.49 -24.39
CA SER A 255 3.58 7.56 -25.11
C SER A 255 4.68 8.20 -24.27
N ASN A 256 5.30 9.23 -24.84
CA ASN A 256 6.29 10.05 -24.12
C ASN A 256 5.68 11.06 -23.13
N ALA A 257 4.39 10.97 -22.87
CA ALA A 257 3.76 11.75 -21.81
C ALA A 257 4.30 11.33 -20.43
N SER A 258 4.82 10.13 -20.34
CA SER A 258 5.08 9.46 -19.06
C SER A 258 6.50 8.89 -18.93
N THR A 259 7.50 9.60 -19.43
CA THR A 259 8.88 9.07 -19.48
C THR A 259 9.62 8.90 -18.14
N TYR A 260 9.10 9.47 -17.08
CA TYR A 260 9.64 9.26 -15.75
C TYR A 260 8.67 8.40 -14.90
N THR A 261 7.64 7.91 -15.55
CA THR A 261 6.66 7.02 -14.92
C THR A 261 6.99 5.57 -15.24
N THR A 262 7.36 4.81 -14.21
CA THR A 262 7.64 3.40 -14.38
C THR A 262 7.49 2.67 -13.04
N GLY A 263 6.93 1.47 -13.07
CA GLY A 263 6.60 0.75 -11.83
C GLY A 263 5.32 1.22 -11.18
N ALA A 264 4.52 2.00 -11.91
CA ALA A 264 3.31 2.60 -11.37
C ALA A 264 2.05 1.82 -11.66
N ASP A 265 1.06 1.97 -10.77
CA ASP A 265 -0.25 1.34 -10.91
C ASP A 265 -1.27 2.48 -10.94
N LEU A 266 -1.87 2.72 -12.08
CA LEU A 266 -2.87 3.78 -12.24
C LEU A 266 -4.23 3.28 -11.82
N LEU A 267 -4.71 3.73 -10.68
CA LEU A 267 -6.04 3.34 -10.16
C LEU A 267 -7.16 4.21 -10.72
N ILE A 268 -8.02 3.62 -11.52
CA ILE A 268 -9.12 4.37 -12.16
C ILE A 268 -10.38 3.63 -11.79
N ASP A 269 -10.97 4.00 -10.64
CA ASP A 269 -11.97 3.16 -10.01
C ASP A 269 -13.18 3.90 -9.46
N GLY A 270 -13.27 5.20 -9.76
CA GLY A 270 -14.37 6.05 -9.27
C GLY A 270 -14.52 5.95 -7.75
N GLY A 271 -13.39 5.77 -7.06
CA GLY A 271 -13.34 5.79 -5.62
C GLY A 271 -13.67 4.48 -4.94
N TYR A 272 -13.80 3.39 -5.70
CA TYR A 272 -14.18 2.09 -5.14
C TYR A 272 -13.31 1.69 -3.93
N CYS A 273 -12.01 1.93 -4.05
CA CYS A 273 -11.04 1.50 -3.04
C CYS A 273 -10.86 2.46 -1.84
N LEU A 274 -11.55 3.60 -1.83
CA LEU A 274 -11.38 4.60 -0.76
C LEU A 274 -11.99 4.03 0.52
N THR A 275 -13.11 3.39 0.25
CA THR A 275 -13.98 2.63 1.14
C THR A 275 -15.20 3.43 1.46
N GLY B 10 -30.47 -10.96 9.51
CA GLY B 10 -29.82 -10.13 10.56
C GLY B 10 -29.24 -10.94 11.72
N PRO B 11 -28.11 -11.64 11.48
CA PRO B 11 -27.44 -12.18 12.63
C PRO B 11 -26.29 -11.25 13.06
N PHE B 12 -26.49 -9.92 12.91
CA PHE B 12 -25.51 -8.89 13.30
C PHE B 12 -25.92 -8.01 14.50
N PRO B 13 -25.00 -7.78 15.46
CA PRO B 13 -23.62 -8.24 15.41
C PRO B 13 -23.42 -9.70 15.84
N LYS B 14 -22.35 -10.26 15.32
CA LYS B 14 -21.97 -11.66 15.51
C LYS B 14 -21.34 -11.69 16.84
N ALA B 15 -21.42 -12.81 17.55
CA ALA B 15 -20.97 -12.81 18.95
C ALA B 15 -19.45 -12.68 18.97
N THR B 16 -18.93 -12.03 20.00
CA THR B 16 -17.50 -12.01 20.16
C THR B 16 -17.04 -13.37 20.75
N PRO B 17 -15.92 -13.92 20.25
CA PRO B 17 -15.51 -15.23 20.69
C PRO B 17 -15.20 -15.26 22.18
N GLN B 18 -14.92 -16.45 22.67
CA GLN B 18 -14.45 -16.61 24.04
C GLN B 18 -13.04 -16.09 24.11
N LEU B 19 -12.85 -15.02 24.86
CA LEU B 19 -11.58 -14.31 24.93
C LEU B 19 -10.92 -14.41 26.29
N PRO B 20 -9.78 -15.13 26.38
CA PRO B 20 -9.07 -15.19 27.65
C PRO B 20 -8.69 -13.80 28.17
N ASN B 21 -8.92 -13.58 29.45
CA ASN B 21 -8.52 -12.36 30.12
C ASN B 21 -6.97 -12.27 30.25
N SER B 22 -6.30 -13.42 30.24
CA SER B 22 -4.85 -13.43 30.33
C SER B 22 -4.22 -13.39 28.93
N VAL B 23 -3.33 -12.43 28.71
CA VAL B 23 -2.66 -12.31 27.41
C VAL B 23 -1.86 -13.59 27.09
N PHE B 24 -1.20 -14.18 28.10
CA PHE B 24 -0.44 -15.39 27.86
C PHE B 24 -1.30 -16.63 27.56
N ASP B 25 -2.48 -16.72 28.18
CA ASP B 25 -3.45 -17.75 27.83
C ASP B 25 -3.94 -17.64 26.37
N MET B 26 -3.92 -16.42 25.83
CA MET B 26 -4.27 -16.18 24.45
C MET B 26 -3.32 -16.87 23.46
N PHE B 27 -2.06 -17.03 23.87
CA PHE B 27 -1.04 -17.64 23.02
C PHE B 27 -1.05 -19.15 23.05
N SER B 28 -1.84 -19.75 23.96
CA SER B 28 -1.81 -21.19 24.13
C SER B 28 -2.26 -21.96 22.91
N MET B 29 -1.50 -22.98 22.53
CA MET B 29 -1.88 -23.88 21.43
C MET B 29 -2.23 -25.31 21.91
N LYS B 30 -2.41 -25.50 23.23
CA LYS B 30 -2.83 -26.78 23.78
C LYS B 30 -4.14 -27.21 23.13
N GLY B 31 -4.18 -28.46 22.67
CA GLY B 31 -5.33 -29.03 22.02
C GLY B 31 -5.44 -28.60 20.58
N LYS B 32 -4.48 -27.82 20.11
CA LYS B 32 -4.50 -27.36 18.72
C LYS B 32 -3.41 -28.07 17.90
N VAL B 33 -3.75 -28.31 16.64
CA VAL B 33 -2.90 -29.00 15.67
C VAL B 33 -2.46 -28.03 14.56
N THR B 34 -1.15 -27.93 14.38
CA THR B 34 -0.56 -27.06 13.34
C THR B 34 0.30 -27.90 12.37
N ALA B 35 0.03 -27.75 11.07
CA ALA B 35 0.81 -28.37 10.02
C ALA B 35 1.69 -27.30 9.33
N ILE B 36 2.96 -27.61 9.12
CA ILE B 36 3.94 -26.64 8.64
C ILE B 36 4.75 -27.23 7.48
N THR B 37 4.49 -26.73 6.26
CA THR B 37 5.32 -27.07 5.11
C THR B 37 6.64 -26.31 5.21
N GLY B 38 7.68 -26.82 4.58
CA GLY B 38 9.03 -26.32 4.86
C GLY B 38 9.41 -26.59 6.31
N GLY B 39 8.80 -27.62 6.90
CA GLY B 39 8.96 -27.95 8.32
C GLY B 39 10.39 -28.29 8.72
N GLY B 40 11.18 -28.78 7.78
CA GLY B 40 12.60 -29.05 8.03
C GLY B 40 13.50 -27.85 7.85
N GLY B 41 12.91 -26.73 7.44
CA GLY B 41 13.67 -25.51 7.11
C GLY B 41 13.83 -24.55 8.28
N GLY B 42 14.52 -23.44 8.03
CA GLY B 42 14.90 -22.48 9.06
C GLY B 42 13.71 -21.87 9.73
N ILE B 43 12.89 -21.16 8.95
CA ILE B 43 11.71 -20.49 9.46
C ILE B 43 10.64 -21.51 9.97
N GLY B 44 10.44 -22.59 9.22
CA GLY B 44 9.40 -23.55 9.53
C GLY B 44 9.63 -24.24 10.86
N PHE B 45 10.86 -24.69 11.08
CA PHE B 45 11.16 -25.36 12.32
C PHE B 45 11.12 -24.40 13.50
N ALA B 46 11.53 -23.14 13.27
CA ALA B 46 11.39 -22.11 14.30
C ALA B 46 9.94 -21.90 14.66
N ALA B 47 9.07 -21.84 13.67
CA ALA B 47 7.64 -21.72 13.88
C ALA B 47 7.12 -22.94 14.71
N ALA B 48 7.59 -24.13 14.36
CA ALA B 48 7.25 -25.37 15.05
C ALA B 48 7.64 -25.33 16.53
N GLU B 49 8.82 -24.80 16.83
CA GLU B 49 9.30 -24.65 18.22
C GLU B 49 8.46 -23.65 19.02
N ALA B 50 8.10 -22.54 18.41
CA ALA B 50 7.25 -21.57 19.07
C ALA B 50 5.91 -22.23 19.44
N ILE B 51 5.35 -22.94 18.47
CA ILE B 51 4.06 -23.55 18.63
C ILE B 51 4.08 -24.77 19.57
N ALA B 52 5.16 -25.54 19.53
CA ALA B 52 5.35 -26.65 20.46
C ALA B 52 5.47 -26.13 21.88
N GLU B 53 6.23 -25.06 22.06
CA GLU B 53 6.36 -24.43 23.38
C GLU B 53 5.03 -23.93 23.94
N ALA B 54 4.20 -23.34 23.06
CA ALA B 54 2.85 -22.93 23.44
C ALA B 54 1.91 -24.12 23.70
N GLY B 55 2.47 -25.33 23.66
CA GLY B 55 1.71 -26.58 23.89
C GLY B 55 0.91 -27.09 22.72
N GLY B 56 1.31 -26.75 21.51
CA GLY B 56 0.57 -27.17 20.34
C GLY B 56 1.16 -28.42 19.74
N ASP B 57 0.29 -29.28 19.20
CA ASP B 57 0.76 -30.43 18.41
C ASP B 57 1.16 -29.96 17.00
N VAL B 58 2.22 -30.55 16.47
CA VAL B 58 2.80 -30.10 15.21
C VAL B 58 3.06 -31.25 14.22
N ALA B 59 2.57 -31.07 12.99
CA ALA B 59 2.96 -31.89 11.86
C ALA B 59 4.03 -31.14 11.00
N LEU B 60 5.22 -31.72 10.92
CA LEU B 60 6.29 -31.17 10.10
C LEU B 60 6.20 -31.78 8.71
N LEU B 61 5.82 -30.94 7.74
CA LEU B 61 5.76 -31.36 6.35
C LEU B 61 7.06 -31.00 5.63
N TYR B 62 7.61 -31.98 4.96
CA TYR B 62 8.93 -31.84 4.33
C TYR B 62 8.90 -32.49 2.97
N ARG B 63 9.88 -32.16 2.14
CA ARG B 63 10.07 -32.81 0.87
C ARG B 63 11.34 -33.68 0.92
N SER B 64 12.48 -33.04 1.13
CA SER B 64 13.78 -33.72 1.01
C SER B 64 14.63 -33.59 2.26
N ALA B 65 14.12 -32.88 3.26
CA ALA B 65 14.87 -32.66 4.50
C ALA B 65 15.18 -34.01 5.15
N PRO B 66 16.44 -34.24 5.53
CA PRO B 66 16.83 -35.52 6.17
C PRO B 66 16.34 -35.63 7.64
N ASN B 67 16.36 -36.85 8.17
CA ASN B 67 16.20 -37.12 9.61
C ASN B 67 14.90 -36.59 10.28
N MET B 68 13.84 -36.45 9.50
CA MET B 68 12.64 -35.80 9.99
C MET B 68 11.90 -36.61 11.05
N GLU B 69 11.94 -37.93 10.96
CA GLU B 69 11.36 -38.76 12.02
C GLU B 69 12.08 -38.54 13.34
N GLU B 70 13.42 -38.44 13.30
CA GLU B 70 14.20 -38.13 14.50
C GLU B 70 13.93 -36.71 14.98
N ARG B 71 13.93 -35.76 14.05
CA ARG B 71 13.74 -34.36 14.45
C ARG B 71 12.34 -34.13 15.04
N SER B 72 11.34 -34.79 14.50
CA SER B 72 9.97 -34.75 15.08
C SER B 72 9.91 -35.30 16.51
N ALA B 73 10.38 -36.52 16.66
CA ALA B 73 10.46 -37.21 17.97
C ALA B 73 11.18 -36.36 19.01
N GLU B 74 12.25 -35.68 18.59
CA GLU B 74 13.01 -34.82 19.49
C GLU B 74 12.23 -33.57 19.91
N LEU B 75 11.53 -32.94 18.95
CA LEU B 75 10.70 -31.82 19.27
C LEU B 75 9.53 -32.22 20.19
N ALA B 76 8.96 -33.40 19.96
CA ALA B 76 7.85 -33.90 20.80
C ALA B 76 8.30 -34.14 22.24
N LYS B 77 9.46 -34.76 22.41
CA LYS B 77 10.00 -35.02 23.72
C LYS B 77 10.36 -33.72 24.40
N ARG B 78 10.95 -32.78 23.64
CA ARG B 78 11.39 -31.52 24.24
C ARG B 78 10.26 -30.73 24.88
N PHE B 79 9.09 -30.74 24.24
CA PHE B 79 8.00 -29.90 24.69
C PHE B 79 6.83 -30.66 25.31
N GLY B 80 6.87 -31.99 25.25
CA GLY B 80 5.76 -32.82 25.69
C GLY B 80 4.52 -32.70 24.82
N VAL B 81 4.71 -32.54 23.52
CA VAL B 81 3.58 -32.48 22.61
C VAL B 81 3.65 -33.61 21.61
N LYS B 82 2.63 -33.76 20.78
CA LYS B 82 2.71 -34.69 19.66
C LYS B 82 3.32 -33.95 18.46
N VAL B 83 4.34 -34.58 17.87
CA VAL B 83 4.97 -34.10 16.63
C VAL B 83 5.15 -35.30 15.69
N LYS B 84 4.66 -35.16 14.47
CA LYS B 84 4.87 -36.18 13.44
C LYS B 84 5.30 -35.50 12.12
N SER B 85 6.08 -36.22 11.31
CA SER B 85 6.55 -35.70 10.03
C SER B 85 5.84 -36.34 8.82
N TYR B 86 5.69 -35.57 7.75
CA TYR B 86 5.00 -36.05 6.55
C TYR B 86 5.70 -35.56 5.32
N GLN B 87 5.95 -36.48 4.40
CA GLN B 87 6.49 -36.20 3.11
C GLN B 87 5.41 -35.51 2.29
N CYS B 88 5.74 -34.31 1.81
CA CYS B 88 4.81 -33.47 1.06
C CYS B 88 5.54 -32.65 -0.01
N GLU B 89 5.18 -32.90 -1.26
CA GLU B 89 5.67 -32.17 -2.42
C GLU B 89 4.63 -31.11 -2.78
N VAL B 90 4.89 -29.86 -2.39
CA VAL B 90 3.84 -28.82 -2.40
C VAL B 90 3.40 -28.37 -3.81
N THR B 91 4.18 -28.75 -4.84
CA THR B 91 3.86 -28.38 -6.21
C THR B 91 2.84 -29.32 -6.82
N GLU B 92 2.50 -30.40 -6.10
CA GLU B 92 1.54 -31.39 -6.57
C GLU B 92 0.35 -31.44 -5.61
N HIS B 93 -0.82 -31.09 -6.13
CA HIS B 93 -2.05 -31.07 -5.37
C HIS B 93 -2.35 -32.35 -4.56
N GLU B 94 -2.18 -33.51 -5.17
CA GLU B 94 -2.40 -34.77 -4.53
C GLU B 94 -1.50 -34.98 -3.28
N SER B 95 -0.22 -34.64 -3.41
CA SER B 95 0.69 -34.73 -2.27
C SER B 95 0.27 -33.76 -1.14
N VAL B 96 -0.16 -32.55 -1.49
CA VAL B 96 -0.62 -31.56 -0.50
C VAL B 96 -1.86 -32.12 0.24
N LYS B 97 -2.82 -32.64 -0.53
CA LYS B 97 -4.08 -33.14 0.01
C LYS B 97 -3.87 -34.40 0.87
N GLN B 98 -3.05 -35.30 0.35
CA GLN B 98 -2.63 -36.53 1.05
C GLN B 98 -2.04 -36.24 2.42
N ALA B 99 -1.14 -35.27 2.49
CA ALA B 99 -0.51 -34.85 3.76
C ALA B 99 -1.53 -34.21 4.74
N ILE B 100 -2.40 -33.37 4.20
CA ILE B 100 -3.45 -32.74 5.00
C ILE B 100 -4.36 -33.81 5.62
N GLU B 101 -4.79 -34.76 4.81
CA GLU B 101 -5.73 -35.78 5.27
C GLU B 101 -5.08 -36.75 6.26
N ALA B 102 -3.78 -37.03 6.06
CA ALA B 102 -3.04 -37.86 7.00
C ALA B 102 -2.92 -37.17 8.35
N VAL B 103 -2.51 -35.90 8.33
CA VAL B 103 -2.45 -35.10 9.55
C VAL B 103 -3.79 -35.15 10.30
N GLU B 104 -4.88 -34.87 9.58
CA GLU B 104 -6.19 -34.76 10.17
C GLU B 104 -6.53 -36.08 10.88
N LYS B 105 -6.19 -37.19 10.21
CA LYS B 105 -6.43 -38.54 10.68
C LYS B 105 -5.58 -38.90 11.91
N ASP B 106 -4.29 -38.54 11.86
CA ASP B 106 -3.35 -38.87 12.93
C ASP B 106 -3.48 -37.97 14.18
N PHE B 107 -3.82 -36.70 13.96
CA PHE B 107 -3.92 -35.73 15.02
C PHE B 107 -5.38 -35.46 15.41
N GLY B 108 -6.31 -35.79 14.53
CA GLY B 108 -7.74 -35.62 14.79
C GLY B 108 -8.37 -34.31 14.35
N ARG B 109 -7.50 -33.31 14.09
CA ARG B 109 -7.86 -31.90 13.97
C ARG B 109 -6.83 -31.21 13.07
N LEU B 110 -7.17 -30.01 12.61
CA LEU B 110 -6.18 -29.11 12.01
C LEU B 110 -6.61 -27.65 12.25
N ASP B 111 -5.94 -27.01 13.18
CA ASP B 111 -6.29 -25.65 13.62
C ASP B 111 -5.52 -24.58 12.87
N CYS B 112 -4.29 -24.93 12.46
CA CYS B 112 -3.45 -23.99 11.79
C CYS B 112 -2.62 -24.68 10.71
N TYR B 113 -2.67 -24.12 9.52
CA TYR B 113 -1.80 -24.54 8.44
C TYR B 113 -0.89 -23.37 8.12
N ILE B 114 0.41 -23.65 8.11
CA ILE B 114 1.39 -22.66 7.72
C ILE B 114 2.00 -23.08 6.37
N ALA B 115 1.50 -22.46 5.30
CA ALA B 115 2.02 -22.61 3.94
C ALA B 115 3.38 -21.91 3.91
N ASN B 116 4.43 -22.61 4.36
CA ASN B 116 5.71 -21.97 4.56
C ASN B 116 6.76 -22.37 3.51
N ALA B 117 6.55 -23.50 2.85
CA ALA B 117 7.45 -23.94 1.79
C ALA B 117 7.53 -22.91 0.67
N GLY B 118 8.75 -22.74 0.16
CA GLY B 118 8.96 -21.77 -0.92
C GLY B 118 10.27 -21.99 -1.63
N GLY B 119 10.41 -21.36 -2.77
CA GLY B 119 11.63 -21.46 -3.56
C GLY B 119 11.40 -20.76 -4.88
N GLY B 120 12.01 -21.27 -5.93
CA GLY B 120 11.90 -20.66 -7.25
C GLY B 120 13.25 -20.49 -7.92
N VAL B 121 13.21 -20.01 -9.16
CA VAL B 121 14.43 -19.78 -9.91
C VAL B 121 14.61 -18.35 -10.32
N PRO B 122 15.73 -17.76 -9.91
CA PRO B 122 15.91 -16.35 -10.17
C PRO B 122 16.26 -16.13 -11.64
N GLY B 123 16.04 -14.91 -12.14
CA GLY B 123 16.50 -14.56 -13.45
C GLY B 123 15.66 -13.47 -14.06
N SER B 124 16.31 -12.71 -14.94
CA SER B 124 15.66 -11.67 -15.73
C SER B 124 14.65 -12.26 -16.64
N ILE B 125 13.64 -11.45 -16.97
CA ILE B 125 12.55 -11.90 -17.82
C ILE B 125 12.91 -11.53 -19.26
N ASN B 126 13.28 -12.56 -20.02
CA ASN B 126 13.63 -12.47 -21.43
C ASN B 126 13.64 -13.92 -21.96
N PRO B 127 13.87 -14.13 -23.28
CA PRO B 127 13.80 -15.48 -23.83
C PRO B 127 14.77 -16.50 -23.21
N ASP B 128 15.79 -16.03 -22.50
CA ASP B 128 16.67 -16.97 -21.78
C ASP B 128 16.06 -17.48 -20.46
N TYR B 129 14.94 -16.89 -20.02
CA TYR B 129 14.23 -17.41 -18.81
C TYR B 129 13.24 -18.51 -19.20
N PRO B 130 13.53 -19.77 -18.83
CA PRO B 130 12.71 -20.88 -19.29
C PRO B 130 11.28 -20.82 -18.77
N LEU B 131 10.32 -21.15 -19.65
CA LEU B 131 8.93 -21.28 -19.28
C LEU B 131 8.77 -22.21 -18.03
N GLU B 132 9.57 -23.27 -17.98
CA GLU B 132 9.53 -24.23 -16.89
C GLU B 132 9.91 -23.56 -15.56
N ALA B 133 10.87 -22.63 -15.63
CA ALA B 133 11.37 -21.88 -14.47
C ALA B 133 10.28 -20.97 -13.88
N TRP B 134 9.53 -20.29 -14.75
CA TRP B 134 8.40 -19.50 -14.34
C TRP B 134 7.38 -20.38 -13.60
N HIS B 135 6.99 -21.48 -14.23
CA HIS B 135 5.95 -22.38 -13.71
C HIS B 135 6.33 -23.13 -12.45
N LYS B 136 7.61 -23.49 -12.34
CA LYS B 136 8.14 -24.06 -11.12
C LYS B 136 8.01 -23.05 -9.99
N THR B 137 8.41 -21.81 -10.27
CA THR B 137 8.39 -20.77 -9.26
C THR B 137 6.98 -20.51 -8.76
N GLN B 138 6.03 -20.36 -9.69
CA GLN B 138 4.64 -20.15 -9.34
C GLN B 138 4.06 -21.34 -8.54
N SER B 139 4.41 -22.56 -8.92
CA SER B 139 3.90 -23.76 -8.28
C SER B 139 4.31 -23.86 -6.83
N VAL B 140 5.60 -23.62 -6.58
CA VAL B 140 6.14 -23.81 -5.23
C VAL B 140 5.61 -22.75 -4.27
N ASN B 141 5.46 -21.51 -4.75
CA ASN B 141 5.00 -20.46 -3.86
C ASN B 141 3.45 -20.28 -3.92
N LEU B 142 2.92 -20.11 -5.12
CA LEU B 142 1.50 -19.78 -5.31
C LEU B 142 0.55 -21.00 -5.31
N HIS B 143 0.75 -21.93 -6.25
CA HIS B 143 -0.19 -23.03 -6.41
C HIS B 143 -0.26 -23.92 -5.18
N SER B 144 0.90 -24.08 -4.52
CA SER B 144 1.02 -24.86 -3.31
C SER B 144 0.11 -24.34 -2.24
N THR B 145 0.06 -23.02 -2.14
CA THR B 145 -0.79 -22.35 -1.16
C THR B 145 -2.27 -22.56 -1.48
N PHE B 146 -2.62 -22.45 -2.75
CA PHE B 146 -3.99 -22.75 -3.16
C PHE B 146 -4.35 -24.22 -2.86
N TYR B 147 -3.42 -25.13 -3.14
CA TYR B 147 -3.69 -26.56 -2.95
C TYR B 147 -4.01 -26.85 -1.45
N ALA B 148 -3.24 -26.24 -0.56
CA ALA B 148 -3.43 -26.33 0.88
C ALA B 148 -4.77 -25.71 1.32
N ALA B 149 -5.00 -24.46 0.91
CA ALA B 149 -6.22 -23.74 1.23
C ALA B 149 -7.46 -24.55 0.83
N ARG B 150 -7.44 -25.03 -0.42
CA ARG B 150 -8.50 -25.87 -0.97
C ARG B 150 -8.97 -26.98 -0.02
N GLU B 151 -8.01 -27.65 0.60
CA GLU B 151 -8.29 -28.81 1.42
C GLU B 151 -8.48 -28.44 2.89
N CYS B 152 -7.80 -27.39 3.34
CA CYS B 152 -8.00 -26.85 4.69
C CYS B 152 -9.41 -26.32 4.88
N ALA B 153 -9.95 -25.68 3.84
CA ALA B 153 -11.30 -25.13 3.89
C ALA B 153 -12.33 -26.11 4.50
N ARG B 154 -12.27 -27.36 4.09
CA ARG B 154 -13.18 -28.41 4.55
C ARG B 154 -13.03 -28.69 6.05
N ILE B 155 -11.79 -28.82 6.50
CA ILE B 155 -11.51 -29.04 7.90
C ILE B 155 -11.91 -27.83 8.75
N PHE B 156 -11.52 -26.63 8.34
CA PHE B 156 -11.89 -25.42 9.07
C PHE B 156 -13.42 -25.24 9.13
N LYS B 157 -14.11 -25.55 8.05
CA LYS B 157 -15.56 -25.41 8.04
C LYS B 157 -16.20 -26.34 9.07
N ALA B 158 -15.73 -27.58 9.13
CA ALA B 158 -16.26 -28.59 10.07
C ALA B 158 -15.99 -28.21 11.53
N GLN B 159 -14.81 -27.63 11.78
CA GLN B 159 -14.39 -27.15 13.09
C GLN B 159 -15.07 -25.86 13.53
N GLY B 160 -15.53 -25.07 12.56
CA GLY B 160 -15.98 -23.70 12.83
C GLY B 160 -14.82 -22.78 13.23
N SER B 161 -13.60 -23.24 13.08
CA SER B 161 -12.43 -22.44 13.39
C SER B 161 -11.18 -22.84 12.56
N GLY B 162 -10.25 -21.91 12.43
CA GLY B 162 -8.99 -22.15 11.73
C GLY B 162 -8.16 -20.91 11.60
N SER B 163 -6.86 -21.10 11.43
CA SER B 163 -5.93 -20.00 11.20
C SER B 163 -5.00 -20.45 10.10
N PHE B 164 -5.10 -19.81 8.95
CA PHE B 164 -4.26 -20.12 7.80
C PHE B 164 -3.20 -19.04 7.72
N ILE B 165 -1.94 -19.49 7.62
CA ILE B 165 -0.80 -18.59 7.56
C ILE B 165 0.03 -18.96 6.35
N ALA B 166 0.43 -17.96 5.57
CA ALA B 166 1.39 -18.16 4.49
C ALA B 166 2.65 -17.38 4.79
N THR B 167 3.81 -17.99 4.53
CA THR B 167 5.02 -17.24 4.62
C THR B 167 5.28 -16.59 3.29
N THR B 168 5.16 -15.28 3.26
CA THR B 168 5.35 -14.55 2.02
C THR B 168 6.77 -13.97 2.04
N SER B 169 6.94 -12.70 1.72
CA SER B 169 8.25 -12.09 1.61
C SER B 169 8.13 -10.61 1.38
N ILE B 170 9.17 -9.87 1.76
CA ILE B 170 9.37 -8.52 1.31
C ILE B 170 9.26 -8.44 -0.23
N SER B 171 9.69 -9.50 -0.91
CA SER B 171 9.61 -9.60 -2.36
C SER B 171 8.18 -9.49 -2.89
N ALA B 172 7.17 -9.65 -2.02
CA ALA B 172 5.77 -9.47 -2.42
C ALA B 172 5.44 -7.99 -2.56
N ARG B 173 6.30 -7.14 -2.02
CA ARG B 173 6.00 -5.74 -1.90
C ARG B 173 7.11 -4.86 -2.49
N ILE B 174 8.35 -5.33 -2.43
CA ILE B 174 9.47 -4.67 -3.10
C ILE B 174 10.15 -5.56 -4.15
N VAL B 175 11.01 -4.95 -4.98
CA VAL B 175 11.70 -5.65 -6.03
C VAL B 175 13.12 -5.94 -5.55
N ASN B 176 13.51 -7.21 -5.53
CA ASN B 176 14.88 -7.58 -5.06
C ASN B 176 15.98 -7.11 -6.02
N VAL B 177 17.15 -6.84 -5.46
CA VAL B 177 18.29 -6.31 -6.20
C VAL B 177 19.57 -6.85 -5.53
N PRO B 178 20.66 -7.10 -6.30
CA PRO B 178 20.86 -6.87 -7.74
C PRO B 178 20.33 -7.94 -8.67
N TYR B 179 19.89 -9.07 -8.13
CA TYR B 179 19.57 -10.24 -8.98
C TYR B 179 18.08 -10.35 -9.23
N ASP B 180 17.68 -9.93 -10.43
CA ASP B 180 16.27 -9.89 -10.80
C ASP B 180 15.56 -11.20 -10.56
N GLN B 181 14.30 -11.17 -10.15
CA GLN B 181 13.48 -12.36 -9.85
C GLN B 181 11.98 -12.06 -9.93
N PRO B 182 11.55 -11.45 -11.04
CA PRO B 182 10.14 -11.14 -11.16
C PRO B 182 9.20 -12.32 -10.95
N ALA B 183 9.66 -13.54 -11.25
CA ALA B 183 8.85 -14.71 -11.09
C ALA B 183 8.51 -14.92 -9.59
N TYR B 184 9.56 -14.98 -8.78
CA TYR B 184 9.42 -15.15 -7.36
C TYR B 184 8.66 -14.00 -6.71
N ASN B 185 9.00 -12.77 -7.11
CA ASN B 185 8.38 -11.58 -6.54
C ASN B 185 6.85 -11.63 -6.78
N SER B 186 6.46 -11.88 -8.00
CA SER B 186 5.05 -11.87 -8.38
C SER B 186 4.27 -13.03 -7.70
N SER B 187 4.93 -14.18 -7.54
CA SER B 187 4.29 -15.33 -6.89
C SER B 187 3.96 -15.01 -5.44
N LYS B 188 4.91 -14.41 -4.73
CA LYS B 188 4.71 -13.96 -3.35
C LYS B 188 3.61 -12.89 -3.20
N ALA B 189 3.61 -11.93 -4.11
CA ALA B 189 2.56 -10.90 -4.17
C ALA B 189 1.21 -11.57 -4.37
N ALA B 190 1.17 -12.55 -5.29
CA ALA B 190 0.00 -13.36 -5.54
C ALA B 190 -0.55 -13.97 -4.24
N VAL B 191 0.33 -14.59 -3.44
CA VAL B 191 -0.03 -15.25 -2.21
C VAL B 191 -0.59 -14.28 -1.16
N VAL B 192 0.00 -13.08 -1.06
CA VAL B 192 -0.46 -12.08 -0.11
C VAL B 192 -1.96 -11.77 -0.37
N HIS B 193 -2.31 -11.45 -1.62
CA HIS B 193 -3.66 -11.07 -1.90
C HIS B 193 -4.61 -12.26 -2.04
N PHE B 194 -4.05 -13.44 -2.31
CA PHE B 194 -4.82 -14.66 -2.28
C PHE B 194 -5.29 -14.87 -0.85
N CYS B 195 -4.36 -14.74 0.10
CA CYS B 195 -4.69 -14.83 1.51
C CYS B 195 -5.73 -13.80 1.93
N ARG B 196 -5.57 -12.56 1.49
CA ARG B 196 -6.55 -11.51 1.80
C ARG B 196 -7.93 -11.92 1.28
N SER B 197 -7.97 -12.52 0.09
CA SER B 197 -9.20 -12.99 -0.49
C SER B 197 -9.83 -14.15 0.29
N LEU B 198 -8.98 -15.02 0.84
CA LEU B 198 -9.45 -16.14 1.67
C LEU B 198 -10.00 -15.68 3.00
N ALA B 199 -9.39 -14.64 3.56
CA ALA B 199 -9.87 -14.03 4.80
C ALA B 199 -11.34 -13.63 4.72
N ARG B 200 -11.76 -13.07 3.58
CA ARG B 200 -13.18 -12.78 3.34
C ARG B 200 -13.96 -14.08 3.03
N ASP B 201 -13.45 -14.87 2.08
CA ASP B 201 -14.08 -16.10 1.70
C ASP B 201 -14.48 -16.96 2.92
N TRP B 202 -13.50 -17.16 3.81
CA TRP B 202 -13.60 -18.08 4.93
C TRP B 202 -14.08 -17.44 6.24
N ARG B 203 -14.55 -16.21 6.16
CA ARG B 203 -14.81 -15.36 7.31
C ARG B 203 -15.70 -15.99 8.39
N ASN B 204 -16.53 -16.97 8.03
CA ASN B 204 -17.40 -17.62 9.03
C ASN B 204 -16.78 -18.76 9.79
N PHE B 205 -15.57 -19.17 9.42
CA PHE B 205 -14.92 -20.32 10.08
C PHE B 205 -13.40 -20.26 10.19
N ALA B 206 -12.77 -19.20 9.66
CA ALA B 206 -11.30 -19.15 9.69
C ALA B 206 -10.73 -17.73 9.60
N ARG B 207 -9.54 -17.55 10.16
CA ARG B 207 -8.74 -16.35 9.91
C ARG B 207 -7.61 -16.68 8.94
N VAL B 208 -7.17 -15.68 8.19
CA VAL B 208 -6.14 -15.88 7.16
C VAL B 208 -5.21 -14.68 7.16
N ASN B 209 -3.93 -14.93 7.37
CA ASN B 209 -2.93 -13.86 7.41
C ASN B 209 -1.61 -14.29 6.78
N THR B 210 -0.74 -13.33 6.54
CA THR B 210 0.60 -13.64 6.05
C THR B 210 1.69 -12.98 6.89
N ILE B 211 2.86 -13.59 6.85
CA ILE B 211 4.07 -13.05 7.47
C ILE B 211 5.08 -12.84 6.34
N SER B 212 5.55 -11.60 6.19
CA SER B 212 6.49 -11.25 5.15
C SER B 212 7.84 -10.99 5.78
N PRO B 213 8.71 -12.00 5.79
CA PRO B 213 10.03 -11.72 6.36
C PRO B 213 10.89 -10.93 5.36
N GLY B 214 11.82 -10.16 5.89
CA GLY B 214 12.98 -9.66 5.13
C GLY B 214 14.00 -10.76 5.05
N PHE B 215 15.26 -10.42 4.76
CA PHE B 215 16.32 -11.41 4.69
C PHE B 215 16.60 -11.99 6.07
N PHE B 216 16.63 -13.31 6.12
CA PHE B 216 16.94 -14.04 7.32
C PHE B 216 18.06 -15.02 7.07
N ASP B 217 18.79 -15.29 8.14
CA ASP B 217 19.90 -16.23 8.14
C ASP B 217 19.39 -17.69 8.03
N THR B 218 19.12 -18.12 6.81
CA THR B 218 18.70 -19.49 6.46
C THR B 218 19.29 -19.75 5.08
N PRO B 219 19.23 -21.00 4.59
CA PRO B 219 19.71 -21.21 3.20
C PRO B 219 19.01 -20.35 2.14
N MET B 220 17.88 -19.74 2.47
CA MET B 220 17.21 -18.84 1.48
C MET B 220 17.49 -17.37 1.78
N GLY B 221 18.52 -17.12 2.56
CA GLY B 221 18.94 -15.76 2.84
C GLY B 221 19.87 -15.20 1.75
N PRO B 222 20.56 -14.08 2.05
CA PRO B 222 21.39 -13.40 1.05
C PRO B 222 22.29 -14.38 0.33
N SER B 223 22.12 -14.47 -0.98
CA SER B 223 22.81 -15.51 -1.76
C SER B 223 24.35 -15.28 -1.87
N ASP B 224 24.77 -14.03 -1.90
CA ASP B 224 26.20 -13.69 -1.96
C ASP B 224 26.48 -12.33 -1.32
N LYS B 225 27.73 -11.85 -1.41
CA LYS B 225 28.06 -10.60 -0.74
C LYS B 225 27.42 -9.34 -1.40
N ALA B 226 27.16 -9.40 -2.69
CA ALA B 226 26.41 -8.33 -3.36
C ALA B 226 24.99 -8.17 -2.77
N VAL B 227 24.33 -9.27 -2.46
CA VAL B 227 23.01 -9.21 -1.82
C VAL B 227 23.18 -8.69 -0.39
N GLU B 228 24.21 -9.20 0.29
CA GLU B 228 24.52 -8.79 1.64
C GLU B 228 24.77 -7.28 1.74
N ASP B 229 25.55 -6.74 0.81
CA ASP B 229 25.80 -5.30 0.76
C ASP B 229 24.52 -4.48 0.57
N VAL B 230 23.61 -5.00 -0.26
CA VAL B 230 22.29 -4.36 -0.43
C VAL B 230 21.52 -4.43 0.89
N LEU B 231 21.51 -5.61 1.52
CA LEU B 231 20.83 -5.80 2.80
C LEU B 231 21.31 -4.82 3.86
N TYR B 232 22.63 -4.67 3.98
CA TYR B 232 23.25 -3.84 5.02
C TYR B 232 22.99 -2.36 4.83
N GLN B 233 22.75 -1.93 3.61
CA GLN B 233 22.35 -0.53 3.38
C GLN B 233 20.83 -0.29 3.38
N LYS B 234 20.03 -1.31 3.12
CA LYS B 234 18.56 -1.17 3.06
C LYS B 234 17.86 -1.44 4.40
N SER B 235 18.19 -2.52 5.07
CA SER B 235 17.63 -2.74 6.40
C SER B 235 18.31 -1.78 7.37
N VAL B 236 17.50 -1.03 8.11
CA VAL B 236 17.98 0.00 9.02
C VAL B 236 18.74 -0.59 10.22
N LEU B 237 18.53 -1.87 10.49
CA LEU B 237 19.23 -2.60 11.55
C LEU B 237 20.56 -3.21 11.09
N GLY B 238 20.89 -3.08 9.81
CA GLY B 238 22.24 -3.42 9.30
C GLY B 238 22.67 -4.91 9.37
N ARG B 239 21.69 -5.81 9.28
CA ARG B 239 21.92 -7.22 9.45
C ARG B 239 20.72 -8.03 8.96
N ALA B 240 20.94 -9.32 8.74
CA ALA B 240 19.89 -10.25 8.39
C ALA B 240 19.16 -10.67 9.66
N GLY B 241 17.92 -11.09 9.50
CA GLY B 241 17.13 -11.60 10.60
C GLY B 241 17.68 -12.91 11.14
N ASP B 242 17.39 -13.17 12.41
CA ASP B 242 17.55 -14.47 13.00
C ASP B 242 16.16 -15.06 13.17
N VAL B 243 16.06 -16.31 12.81
CA VAL B 243 14.84 -17.08 12.82
C VAL B 243 14.04 -17.00 14.16
N LYS B 244 14.73 -16.81 15.29
CA LYS B 244 14.03 -16.59 16.58
C LYS B 244 13.12 -15.34 16.53
N GLU B 245 13.47 -14.40 15.67
CA GLU B 245 12.77 -13.13 15.55
C GLU B 245 11.45 -13.24 14.79
N LEU B 246 11.18 -14.43 14.27
CA LEU B 246 9.89 -14.73 13.62
C LEU B 246 8.96 -15.52 14.53
N LYS B 247 9.54 -16.26 15.45
CA LYS B 247 8.78 -17.20 16.30
C LYS B 247 7.49 -16.64 16.87
N ALA B 248 7.60 -15.48 17.50
CA ALA B 248 6.51 -14.85 18.18
C ALA B 248 5.38 -14.40 17.25
N ALA B 249 5.76 -14.05 16.02
CA ALA B 249 4.78 -13.64 15.02
C ALA B 249 3.93 -14.82 14.54
N TYR B 250 4.56 -15.98 14.35
CA TYR B 250 3.86 -17.21 13.94
C TYR B 250 2.89 -17.70 15.04
N LEU B 251 3.40 -17.70 16.27
CA LEU B 251 2.59 -18.01 17.44
C LEU B 251 1.41 -17.03 17.58
N TYR B 252 1.69 -15.73 17.36
CA TYR B 252 0.68 -14.70 17.44
C TYR B 252 -0.51 -15.03 16.50
N LEU B 253 -0.20 -15.36 15.25
CA LEU B 253 -1.19 -15.62 14.23
C LEU B 253 -1.87 -16.98 14.37
N ALA B 254 -1.15 -17.96 14.88
CA ALA B 254 -1.68 -19.31 15.02
C ALA B 254 -2.67 -19.43 16.18
N SER B 255 -2.55 -18.53 17.14
CA SER B 255 -3.32 -18.62 18.42
C SER B 255 -4.47 -17.62 18.56
N ASN B 256 -5.14 -17.70 19.71
CA ASN B 256 -6.14 -16.71 20.12
C ASN B 256 -5.59 -15.34 20.47
N ALA B 257 -4.27 -15.16 20.39
CA ALA B 257 -3.68 -13.84 20.53
C ALA B 257 -4.17 -12.87 19.47
N SER B 258 -4.70 -13.40 18.37
CA SER B 258 -4.98 -12.58 17.18
C SER B 258 -6.38 -12.73 16.59
N THR B 259 -7.39 -12.92 17.43
CA THR B 259 -8.75 -13.26 16.96
C THR B 259 -9.46 -12.17 16.13
N TYR B 260 -9.03 -10.92 16.24
CA TYR B 260 -9.60 -9.86 15.39
C TYR B 260 -8.64 -9.50 14.24
N THR B 261 -7.61 -10.32 14.08
CA THR B 261 -6.59 -10.08 13.03
C THR B 261 -6.82 -11.02 11.87
N THR B 262 -7.39 -10.48 10.78
CA THR B 262 -7.58 -11.29 9.58
C THR B 262 -7.37 -10.44 8.33
N GLY B 263 -6.71 -11.02 7.34
CA GLY B 263 -6.31 -10.31 6.13
C GLY B 263 -5.10 -9.41 6.27
N ALA B 264 -4.34 -9.58 7.34
CA ALA B 264 -3.16 -8.74 7.61
C ALA B 264 -1.88 -9.40 7.09
N ASP B 265 -0.89 -8.57 6.80
CA ASP B 265 0.44 -9.00 6.36
C ASP B 265 1.44 -8.48 7.39
N LEU B 266 2.01 -9.37 8.19
CA LEU B 266 2.98 -8.95 9.18
C LEU B 266 4.36 -8.78 8.55
N LEU B 267 4.82 -7.55 8.49
CA LEU B 267 6.08 -7.21 7.86
C LEU B 267 7.21 -7.31 8.88
N ILE B 268 8.09 -8.27 8.70
CA ILE B 268 9.19 -8.46 9.69
C ILE B 268 10.53 -8.43 8.97
N ASP B 269 11.04 -7.23 8.75
CA ASP B 269 12.09 -7.02 7.73
C ASP B 269 13.27 -6.17 8.16
N GLY B 270 13.34 -5.84 9.44
CA GLY B 270 14.38 -4.95 9.95
C GLY B 270 14.43 -3.63 9.19
N GLY B 271 13.28 -3.21 8.68
CA GLY B 271 13.12 -1.90 8.04
C GLY B 271 13.58 -1.86 6.61
N TYR B 272 13.82 -3.00 6.00
CA TYR B 272 14.28 -3.11 4.60
C TYR B 272 13.41 -2.30 3.63
N CYS B 273 12.10 -2.34 3.84
CA CYS B 273 11.15 -1.70 2.92
C CYS B 273 10.92 -0.19 3.18
N LEU B 274 11.63 0.37 4.17
CA LEU B 274 11.36 1.75 4.58
C LEU B 274 11.87 2.78 3.55
N THR B 275 13.06 2.52 3.02
CA THR B 275 13.72 3.47 2.16
C THR B 275 13.61 3.13 0.68
N GLY C 10 -28.28 9.69 -3.49
CA GLY C 10 -29.46 9.83 -4.42
C GLY C 10 -29.89 8.50 -5.04
N PRO C 11 -30.54 8.56 -6.22
CA PRO C 11 -30.85 7.32 -6.96
C PRO C 11 -29.61 6.72 -7.65
N PHE C 12 -29.55 5.39 -7.66
CA PHE C 12 -28.43 4.67 -8.28
C PHE C 12 -28.90 3.83 -9.48
N PRO C 13 -28.06 3.74 -10.54
CA PRO C 13 -26.74 4.40 -10.63
C PRO C 13 -26.85 5.88 -10.96
N LYS C 14 -25.87 6.65 -10.50
CA LYS C 14 -25.82 8.06 -10.87
C LYS C 14 -25.39 8.13 -12.36
N ALA C 15 -25.85 9.17 -13.04
CA ALA C 15 -25.61 9.36 -14.48
C ALA C 15 -24.14 9.29 -14.93
N THR C 16 -23.88 8.51 -15.96
CA THR C 16 -22.59 8.58 -16.63
C THR C 16 -22.61 9.87 -17.44
N PRO C 17 -21.58 10.72 -17.27
CA PRO C 17 -21.47 11.93 -18.08
C PRO C 17 -21.37 11.60 -19.56
N GLN C 18 -21.82 12.54 -20.41
CA GLN C 18 -21.51 12.46 -21.83
C GLN C 18 -20.01 12.76 -21.97
N LEU C 19 -19.31 11.94 -22.74
CA LEU C 19 -17.87 12.03 -22.83
C LEU C 19 -17.40 12.20 -24.26
N PRO C 20 -16.34 13.00 -24.47
CA PRO C 20 -15.84 13.22 -25.84
C PRO C 20 -15.38 11.93 -26.48
N ASN C 21 -15.70 11.79 -27.76
CA ASN C 21 -15.21 10.70 -28.58
C ASN C 21 -13.70 10.81 -28.82
N SER C 22 -13.18 12.02 -28.70
CA SER C 22 -11.77 12.28 -28.98
C SER C 22 -10.98 12.33 -27.68
N VAL C 23 -9.97 11.47 -27.56
CA VAL C 23 -9.11 11.47 -26.36
C VAL C 23 -8.46 12.85 -26.14
N PHE C 24 -8.02 13.51 -27.22
CA PHE C 24 -7.42 14.83 -27.07
C PHE C 24 -8.36 15.91 -26.59
N ASP C 25 -9.62 15.82 -27.01
CA ASP C 25 -10.70 16.69 -26.52
C ASP C 25 -10.95 16.53 -25.01
N MET C 26 -10.74 15.34 -24.50
CA MET C 26 -10.87 15.11 -23.04
C MET C 26 -9.90 15.96 -22.23
N PHE C 27 -8.76 16.30 -22.85
CA PHE C 27 -7.68 17.05 -22.19
C PHE C 27 -7.90 18.57 -22.24
N SER C 28 -8.84 19.00 -23.05
CA SER C 28 -9.07 20.43 -23.26
C SER C 28 -9.44 21.11 -21.96
N MET C 29 -8.81 22.25 -21.71
CA MET C 29 -9.12 23.06 -20.56
C MET C 29 -9.79 24.35 -20.99
N LYS C 30 -10.34 24.38 -22.20
CA LYS C 30 -11.03 25.58 -22.71
C LYS C 30 -12.25 25.87 -21.83
N GLY C 31 -12.34 27.11 -21.37
CA GLY C 31 -13.49 27.62 -20.63
C GLY C 31 -13.34 27.32 -19.15
N LYS C 32 -12.19 26.75 -18.80
CA LYS C 32 -11.92 26.31 -17.43
C LYS C 32 -10.78 27.13 -16.82
N VAL C 33 -10.88 27.31 -15.50
CA VAL C 33 -9.95 28.13 -14.72
C VAL C 33 -9.19 27.28 -13.70
N THR C 34 -7.86 27.39 -13.70
CA THR C 34 -7.00 26.64 -12.80
C THR C 34 -6.13 27.60 -11.95
N ALA C 35 -6.14 27.41 -10.64
CA ALA C 35 -5.24 28.15 -9.75
C ALA C 35 -4.13 27.21 -9.30
N ILE C 36 -2.89 27.69 -9.30
CA ILE C 36 -1.73 26.85 -9.00
C ILE C 36 -0.79 27.55 -8.03
N THR C 37 -0.71 27.04 -6.80
CA THR C 37 0.27 27.54 -5.83
C THR C 37 1.64 27.00 -6.17
N GLY C 38 2.67 27.68 -5.73
CA GLY C 38 4.02 27.41 -6.23
C GLY C 38 4.06 27.67 -7.75
N GLY C 39 3.20 28.58 -8.21
CA GLY C 39 3.06 28.91 -9.63
C GLY C 39 4.33 29.38 -10.31
N GLY C 40 5.22 29.99 -9.54
CA GLY C 40 6.49 30.46 -10.07
C GLY C 40 7.60 29.44 -10.02
N GLY C 41 7.32 28.27 -9.45
CA GLY C 41 8.36 27.23 -9.25
C GLY C 41 8.43 26.24 -10.40
N GLY C 42 9.32 25.26 -10.24
CA GLY C 42 9.59 24.25 -11.29
C GLY C 42 8.35 23.51 -11.79
N ILE C 43 7.73 22.75 -10.89
CA ILE C 43 6.61 21.90 -11.24
C ILE C 43 5.35 22.73 -11.53
N GLY C 44 5.18 23.80 -10.75
CA GLY C 44 4.00 24.64 -10.86
C GLY C 44 3.92 25.32 -12.21
N PHE C 45 5.03 25.89 -12.66
CA PHE C 45 5.01 26.57 -13.93
C PHE C 45 4.84 25.58 -15.07
N ALA C 46 5.46 24.42 -14.95
CA ALA C 46 5.30 23.36 -15.95
C ALA C 46 3.81 22.95 -16.09
N ALA C 47 3.14 22.76 -14.95
CA ALA C 47 1.71 22.45 -14.92
C ALA C 47 0.93 23.57 -15.59
N ALA C 48 1.28 24.82 -15.27
CA ALA C 48 0.62 25.99 -15.86
C ALA C 48 0.74 25.99 -17.40
N GLU C 49 1.92 25.65 -17.88
CA GLU C 49 2.19 25.56 -19.31
C GLU C 49 1.35 24.49 -20.01
N ALA C 50 1.26 23.32 -19.38
CA ALA C 50 0.39 22.22 -19.87
C ALA C 50 -1.08 22.68 -19.99
N ILE C 51 -1.54 23.36 -18.94
CA ILE C 51 -2.95 23.78 -18.88
C ILE C 51 -3.22 24.96 -19.81
N ALA C 52 -2.31 25.91 -19.85
CA ALA C 52 -2.40 27.01 -20.82
C ALA C 52 -2.43 26.48 -22.25
N GLU C 53 -1.57 25.51 -22.56
CA GLU C 53 -1.60 24.83 -23.89
C GLU C 53 -2.92 24.12 -24.18
N ALA C 54 -3.53 23.53 -23.16
CA ALA C 54 -4.84 22.89 -23.33
C ALA C 54 -5.99 23.91 -23.50
N GLY C 55 -5.67 25.20 -23.52
CA GLY C 55 -6.67 26.26 -23.66
C GLY C 55 -7.26 26.78 -22.34
N GLY C 56 -6.67 26.38 -21.21
CA GLY C 56 -7.17 26.84 -19.93
C GLY C 56 -6.64 28.18 -19.46
N ASP C 57 -7.47 28.91 -18.70
CA ASP C 57 -7.01 30.10 -18.03
C ASP C 57 -6.33 29.70 -16.70
N VAL C 58 -5.30 30.45 -16.34
CA VAL C 58 -4.43 30.06 -15.22
C VAL C 58 -4.21 31.23 -14.26
N ALA C 59 -4.45 30.98 -12.97
CA ALA C 59 -4.00 31.86 -11.91
C ALA C 59 -2.71 31.29 -11.30
N LEU C 60 -1.61 32.04 -11.40
CA LEU C 60 -0.34 31.62 -10.80
C LEU C 60 -0.21 32.21 -9.40
N LEU C 61 -0.22 31.35 -8.39
CA LEU C 61 -0.10 31.81 -7.03
C LEU C 61 1.35 31.66 -6.58
N TYR C 62 1.89 32.72 -6.00
CA TYR C 62 3.30 32.78 -5.67
C TYR C 62 3.47 33.48 -4.32
N ARG C 63 4.64 33.32 -3.71
CA ARG C 63 4.98 33.99 -2.47
C ARG C 63 6.14 34.94 -2.72
N SER C 64 7.32 34.41 -2.97
CA SER C 64 8.52 35.26 -3.08
C SER C 64 9.14 35.31 -4.48
N ALA C 65 8.56 34.57 -5.43
CA ALA C 65 9.09 34.49 -6.78
C ALA C 65 9.01 35.85 -7.48
N PRO C 66 10.09 36.23 -8.18
CA PRO C 66 10.11 37.51 -8.90
C PRO C 66 9.55 37.41 -10.32
N ASN C 67 9.32 38.56 -10.93
CA ASN C 67 8.89 38.66 -12.33
C ASN C 67 7.57 37.97 -12.70
N MET C 68 6.73 37.71 -11.71
CA MET C 68 5.50 36.93 -11.92
C MET C 68 4.49 37.61 -12.84
N GLU C 69 4.36 38.91 -12.73
CA GLU C 69 3.50 39.68 -13.66
C GLU C 69 3.99 39.57 -15.10
N GLU C 70 5.31 39.57 -15.28
CA GLU C 70 5.92 39.49 -16.60
C GLU C 70 5.82 38.06 -17.11
N ARG C 71 6.08 37.10 -16.21
CA ARG C 71 6.00 35.68 -16.59
C ARG C 71 4.55 35.32 -16.93
N SER C 72 3.59 35.86 -16.17
CA SER C 72 2.17 35.66 -16.45
C SER C 72 1.83 36.18 -17.84
N ALA C 73 2.20 37.41 -18.13
CA ALA C 73 1.90 38.05 -19.43
C ALA C 73 2.48 37.26 -20.59
N GLU C 74 3.70 36.73 -20.41
CA GLU C 74 4.40 35.92 -21.41
C GLU C 74 3.63 34.63 -21.70
N LEU C 75 3.20 33.95 -20.64
CA LEU C 75 2.44 32.71 -20.75
C LEU C 75 1.08 32.95 -21.42
N ALA C 76 0.40 34.01 -21.01
CA ALA C 76 -0.88 34.41 -21.61
C ALA C 76 -0.74 34.67 -23.12
N LYS C 77 0.25 35.48 -23.50
CA LYS C 77 0.46 35.82 -24.92
C LYS C 77 0.78 34.55 -25.70
N ARG C 78 1.69 33.74 -25.15
CA ARG C 78 2.14 32.49 -25.76
C ARG C 78 1.01 31.52 -26.12
N PHE C 79 0.00 31.43 -25.25
CA PHE C 79 -1.03 30.43 -25.44
C PHE C 79 -2.40 30.98 -25.80
N GLY C 80 -2.55 32.31 -25.76
CA GLY C 80 -3.83 32.97 -26.04
C GLY C 80 -4.88 32.67 -24.99
N VAL C 81 -4.46 32.65 -23.73
CA VAL C 81 -5.39 32.45 -22.60
C VAL C 81 -5.21 33.59 -21.57
N LYS C 82 -6.07 33.66 -20.56
CA LYS C 82 -5.88 34.60 -19.46
C LYS C 82 -4.97 33.98 -18.36
N VAL C 83 -3.93 34.72 -17.99
CA VAL C 83 -3.03 34.36 -16.89
C VAL C 83 -2.85 35.61 -16.03
N LYS C 84 -3.12 35.46 -14.72
CA LYS C 84 -2.90 36.54 -13.76
C LYS C 84 -2.19 35.95 -12.55
N SER C 85 -1.25 36.69 -11.98
CA SER C 85 -0.53 36.21 -10.80
C SER C 85 -1.11 36.78 -9.51
N TYR C 86 -1.04 35.99 -8.45
CA TYR C 86 -1.61 36.38 -7.15
C TYR C 86 -0.61 36.04 -6.07
N GLN C 87 -0.35 36.97 -5.16
CA GLN C 87 0.51 36.68 -4.05
C GLN C 87 -0.33 35.92 -3.04
N CYS C 88 0.24 34.82 -2.54
CA CYS C 88 -0.45 33.95 -1.60
C CYS C 88 0.57 33.27 -0.70
N GLU C 89 0.40 33.45 0.61
CA GLU C 89 1.25 32.84 1.59
C GLU C 89 0.47 31.65 2.09
N VAL C 90 0.88 30.45 1.69
CA VAL C 90 -0.02 29.30 1.85
C VAL C 90 -0.18 28.82 3.32
N THR C 91 0.68 29.30 4.20
CA THR C 91 0.60 28.93 5.62
C THR C 91 -0.45 29.73 6.39
N GLU C 92 -1.01 30.76 5.72
CA GLU C 92 -2.03 31.63 6.28
C GLU C 92 -3.37 31.37 5.61
N HIS C 93 -4.34 30.91 6.40
CA HIS C 93 -5.66 30.66 5.87
C HIS C 93 -6.23 31.87 5.17
N GLU C 94 -6.08 33.03 5.78
CA GLU C 94 -6.62 34.27 5.28
C GLU C 94 -6.10 34.57 3.83
N SER C 95 -4.80 34.38 3.63
CA SER C 95 -4.16 34.64 2.35
C SER C 95 -4.59 33.59 1.31
N VAL C 96 -4.69 32.34 1.74
CA VAL C 96 -5.14 31.25 0.85
C VAL C 96 -6.56 31.53 0.38
N LYS C 97 -7.43 31.92 1.31
CA LYS C 97 -8.82 32.21 1.01
C LYS C 97 -9.01 33.41 0.08
N GLN C 98 -8.32 34.51 0.40
CA GLN C 98 -8.38 35.75 -0.36
C GLN C 98 -7.90 35.53 -1.80
N ALA C 99 -6.85 34.72 -1.95
CA ALA C 99 -6.34 34.39 -3.29
C ALA C 99 -7.41 33.67 -4.12
N ILE C 100 -8.06 32.69 -3.49
CA ILE C 100 -9.12 31.90 -4.12
C ILE C 100 -10.32 32.79 -4.52
N GLU C 101 -10.71 33.68 -3.63
CA GLU C 101 -11.85 34.56 -3.88
C GLU C 101 -11.51 35.64 -4.92
N ALA C 102 -10.25 36.03 -4.99
CA ALA C 102 -9.77 36.95 -6.05
C ALA C 102 -9.80 36.27 -7.41
N VAL C 103 -9.36 35.03 -7.47
CA VAL C 103 -9.42 34.23 -8.69
C VAL C 103 -10.89 34.07 -9.16
N GLU C 104 -11.75 33.64 -8.24
CA GLU C 104 -13.16 33.48 -8.50
C GLU C 104 -13.74 34.79 -9.05
N LYS C 105 -13.37 35.93 -8.46
CA LYS C 105 -13.89 37.22 -8.87
C LYS C 105 -13.36 37.63 -10.27
N ASP C 106 -12.03 37.56 -10.46
CA ASP C 106 -11.42 38.01 -11.73
C ASP C 106 -11.71 37.11 -12.91
N PHE C 107 -11.94 35.82 -12.65
CA PHE C 107 -12.12 34.83 -13.71
C PHE C 107 -13.57 34.36 -13.84
N GLY C 108 -14.35 34.45 -12.78
CA GLY C 108 -15.79 34.12 -12.82
C GLY C 108 -16.09 32.73 -12.26
N ARG C 109 -15.05 31.92 -12.14
CA ARG C 109 -15.20 30.54 -11.71
C ARG C 109 -13.82 29.96 -11.34
N LEU C 110 -13.84 28.73 -10.87
CA LEU C 110 -12.61 27.98 -10.57
C LEU C 110 -12.88 26.48 -10.70
N ASP C 111 -12.22 25.87 -11.67
CA ASP C 111 -12.48 24.48 -12.04
C ASP C 111 -11.44 23.54 -11.45
N CYS C 112 -10.25 24.06 -11.23
CA CYS C 112 -9.13 23.24 -10.74
C CYS C 112 -8.23 24.05 -9.80
N TYR C 113 -7.91 23.46 -8.65
CA TYR C 113 -6.92 24.03 -7.73
C TYR C 113 -5.81 23.01 -7.60
N ILE C 114 -4.59 23.47 -7.78
CA ILE C 114 -3.41 22.61 -7.62
C ILE C 114 -2.62 23.08 -6.41
N ALA C 115 -2.71 22.33 -5.33
CA ALA C 115 -2.00 22.63 -4.10
C ALA C 115 -0.58 22.10 -4.26
N ASN C 116 0.28 22.95 -4.85
CA ASN C 116 1.61 22.53 -5.26
C ASN C 116 2.78 23.17 -4.48
N ALA C 117 2.56 24.33 -3.85
CA ALA C 117 3.56 24.89 -2.94
C ALA C 117 3.87 23.89 -1.80
N GLY C 118 5.14 23.86 -1.41
CA GLY C 118 5.59 22.95 -0.38
C GLY C 118 6.98 23.34 0.09
N GLY C 119 7.45 22.67 1.11
CA GLY C 119 8.75 22.99 1.72
C GLY C 119 8.84 22.25 3.05
N GLY C 120 9.58 22.79 3.98
CA GLY C 120 9.73 22.19 5.29
C GLY C 120 11.17 22.26 5.73
N VAL C 121 11.44 21.78 6.92
CA VAL C 121 12.80 21.79 7.44
C VAL C 121 13.25 20.39 7.85
N PRO C 122 14.31 19.90 7.22
CA PRO C 122 14.84 18.57 7.45
C PRO C 122 15.45 18.44 8.84
N GLY C 123 15.58 17.20 9.31
CA GLY C 123 16.28 16.96 10.56
C GLY C 123 15.75 15.74 11.33
N SER C 124 16.68 15.09 12.02
CA SER C 124 16.36 14.05 12.99
C SER C 124 15.40 14.51 14.08
N ILE C 125 14.63 13.57 14.61
CA ILE C 125 13.68 13.88 15.66
C ILE C 125 14.32 13.56 17.00
N ASN C 126 14.58 14.63 17.75
CA ASN C 126 15.23 14.63 19.06
C ASN C 126 15.12 16.06 19.60
N PRO C 127 15.58 16.31 20.83
CA PRO C 127 15.48 17.69 21.40
C PRO C 127 16.24 18.80 20.65
N ASP C 128 17.06 18.47 19.68
CA ASP C 128 17.69 19.50 18.81
C ASP C 128 16.77 19.94 17.68
N TYR C 129 15.64 19.25 17.51
CA TYR C 129 14.72 19.63 16.42
C TYR C 129 13.68 20.63 16.95
N PRO C 130 13.73 21.88 16.47
CA PRO C 130 12.91 22.94 17.06
C PRO C 130 11.43 22.65 16.87
N LEU C 131 10.62 23.00 17.85
CA LEU C 131 9.20 22.74 17.79
C LEU C 131 8.60 23.47 16.57
N GLU C 132 9.10 24.67 16.30
CA GLU C 132 8.64 25.51 15.18
C GLU C 132 8.97 24.92 13.82
N ALA C 133 10.04 24.15 13.74
CA ALA C 133 10.46 23.48 12.51
C ALA C 133 9.40 22.43 12.12
N TRP C 134 8.92 21.68 13.12
CA TRP C 134 7.83 20.75 12.93
C TRP C 134 6.58 21.45 12.38
N HIS C 135 6.16 22.51 13.04
CA HIS C 135 4.93 23.21 12.66
C HIS C 135 4.99 24.01 11.36
N LYS C 136 6.16 24.56 11.04
CA LYS C 136 6.34 25.26 9.76
C LYS C 136 6.21 24.26 8.63
N THR C 137 6.86 23.11 8.80
CA THR C 137 6.78 21.99 7.83
C THR C 137 5.34 21.50 7.59
N GLN C 138 4.61 21.19 8.67
CA GLN C 138 3.24 20.76 8.58
C GLN C 138 2.36 21.86 7.98
N SER C 139 2.64 23.10 8.33
CA SER C 139 1.89 24.23 7.82
C SER C 139 2.03 24.38 6.29
N VAL C 140 3.25 24.33 5.79
CA VAL C 140 3.49 24.56 4.36
C VAL C 140 2.95 23.43 3.47
N ASN C 141 3.00 22.17 3.94
CA ASN C 141 2.54 21.06 3.10
C ASN C 141 1.10 20.65 3.39
N LEU C 142 0.73 20.56 4.66
CA LEU C 142 -0.54 19.95 5.06
C LEU C 142 -1.62 20.98 5.32
N HIS C 143 -1.36 21.91 6.24
CA HIS C 143 -2.38 22.90 6.61
C HIS C 143 -2.79 23.74 5.40
N SER C 144 -1.81 24.06 4.57
CA SER C 144 -2.00 24.80 3.33
C SER C 144 -3.03 24.15 2.38
N THR C 145 -2.89 22.84 2.22
CA THR C 145 -3.79 22.03 1.41
C THR C 145 -5.21 22.06 1.98
N PHE C 146 -5.30 21.94 3.29
CA PHE C 146 -6.59 21.99 3.96
C PHE C 146 -7.25 23.37 3.84
N TYR C 147 -6.46 24.46 3.98
CA TYR C 147 -7.01 25.81 3.85
C TYR C 147 -7.63 26.03 2.49
N ALA C 148 -6.94 25.53 1.46
CA ALA C 148 -7.37 25.63 0.08
C ALA C 148 -8.62 24.79 -0.21
N ALA C 149 -8.55 23.51 0.16
CA ALA C 149 -9.68 22.58 0.04
C ALA C 149 -10.97 23.14 0.63
N ARG C 150 -10.82 23.68 1.83
CA ARG C 150 -11.94 24.12 2.61
C ARG C 150 -12.73 25.19 1.83
N GLU C 151 -12.01 26.06 1.16
CA GLU C 151 -12.59 27.18 0.48
C GLU C 151 -13.03 26.77 -0.92
N CYS C 152 -12.25 25.89 -1.55
CA CYS C 152 -12.64 25.29 -2.84
C CYS C 152 -13.94 24.53 -2.76
N ALA C 153 -14.18 23.88 -1.62
CA ALA C 153 -15.36 23.07 -1.44
C ALA C 153 -16.62 23.88 -1.78
N ARG C 154 -16.68 25.15 -1.41
CA ARG C 154 -17.86 25.96 -1.69
C ARG C 154 -18.01 26.28 -3.17
N ILE C 155 -16.90 26.60 -3.85
CA ILE C 155 -16.95 26.89 -5.27
C ILE C 155 -17.36 25.65 -6.06
N PHE C 156 -16.65 24.54 -5.82
CA PHE C 156 -16.91 23.28 -6.52
C PHE C 156 -18.34 22.80 -6.32
N LYS C 157 -18.87 22.95 -5.12
CA LYS C 157 -20.25 22.50 -4.83
C LYS C 157 -21.28 23.35 -5.59
N ALA C 158 -21.02 24.64 -5.75
CA ALA C 158 -21.93 25.56 -6.43
C ALA C 158 -21.93 25.35 -7.95
N GLN C 159 -20.74 25.05 -8.49
CA GLN C 159 -20.59 24.71 -9.90
C GLN C 159 -21.08 23.31 -10.22
N GLY C 160 -21.10 22.44 -9.22
CA GLY C 160 -21.40 21.03 -9.45
C GLY C 160 -20.24 20.26 -10.06
N SER C 161 -19.06 20.86 -10.08
CA SER C 161 -17.88 20.26 -10.72
C SER C 161 -16.59 20.83 -10.16
N GLY C 162 -15.49 20.12 -10.33
CA GLY C 162 -14.22 20.59 -9.82
C GLY C 162 -13.14 19.53 -9.73
N SER C 163 -11.89 19.98 -9.78
CA SER C 163 -10.77 19.06 -9.69
C SER C 163 -9.70 19.62 -8.79
N PHE C 164 -9.41 18.88 -7.71
CA PHE C 164 -8.45 19.28 -6.73
C PHE C 164 -7.26 18.36 -6.87
N ILE C 165 -6.07 18.94 -7.04
CA ILE C 165 -4.82 18.18 -7.17
C ILE C 165 -3.86 18.68 -6.09
N ALA C 166 -3.21 17.75 -5.41
CA ALA C 166 -2.13 18.10 -4.51
C ALA C 166 -0.84 17.48 -5.05
N THR C 167 0.24 18.24 -4.99
CA THR C 167 1.54 17.69 -5.32
C THR C 167 2.10 17.09 -4.07
N THR C 168 2.21 15.78 -4.04
CA THR C 168 2.72 15.14 -2.85
C THR C 168 4.17 14.78 -3.09
N SER C 169 4.57 13.57 -2.76
CA SER C 169 5.98 13.17 -2.92
C SER C 169 6.12 11.69 -2.70
N ILE C 170 7.20 11.12 -3.23
CA ILE C 170 7.65 9.77 -2.81
C ILE C 170 7.83 9.70 -1.30
N SER C 171 8.08 10.84 -0.67
CA SER C 171 8.29 10.95 0.78
C SER C 171 7.02 10.59 1.57
N ALA C 172 5.87 10.67 0.91
CA ALA C 172 4.60 10.25 1.51
C ALA C 172 4.55 8.74 1.75
N ARG C 173 5.29 7.97 0.95
CA ARG C 173 5.24 6.52 1.07
C ARG C 173 6.62 5.91 1.39
N ILE C 174 7.65 6.69 1.16
CA ILE C 174 9.04 6.26 1.34
C ILE C 174 9.74 7.12 2.38
N VAL C 175 10.84 6.61 2.92
CA VAL C 175 11.62 7.36 3.91
C VAL C 175 12.92 7.82 3.23
N ASN C 176 13.09 9.12 3.06
CA ASN C 176 14.30 9.69 2.41
C ASN C 176 15.58 9.46 3.21
N VAL C 177 16.65 9.15 2.51
CA VAL C 177 17.99 8.98 3.07
C VAL C 177 18.97 9.79 2.19
N PRO C 178 20.13 10.23 2.74
CA PRO C 178 20.59 10.00 4.13
C PRO C 178 20.14 11.05 5.16
N TYR C 179 19.49 12.13 4.72
CA TYR C 179 19.09 13.21 5.63
C TYR C 179 17.67 13.03 6.14
N ASP C 180 17.56 12.53 7.35
CA ASP C 180 16.26 12.27 7.92
C ASP C 180 15.31 13.48 7.84
N GLN C 181 14.06 13.23 7.49
CA GLN C 181 13.06 14.30 7.46
C GLN C 181 11.67 13.82 7.82
N PRO C 182 11.52 13.20 9.01
CA PRO C 182 10.20 12.69 9.41
C PRO C 182 9.05 13.71 9.30
N ALA C 183 9.30 14.99 9.59
CA ALA C 183 8.28 16.02 9.52
C ALA C 183 7.69 16.13 8.12
N TYR C 184 8.56 16.32 7.13
CA TYR C 184 8.15 16.49 5.77
C TYR C 184 7.51 15.24 5.24
N ASN C 185 8.10 14.08 5.56
CA ASN C 185 7.53 12.80 5.14
C ASN C 185 6.11 12.63 5.69
N SER C 186 5.92 12.90 6.99
CA SER C 186 4.61 12.68 7.59
C SER C 186 3.59 13.68 7.01
N SER C 187 4.04 14.91 6.72
CA SER C 187 3.13 15.95 6.23
C SER C 187 2.60 15.61 4.84
N LYS C 188 3.46 15.00 4.02
CA LYS C 188 3.08 14.58 2.67
C LYS C 188 2.16 13.35 2.68
N ALA C 189 2.48 12.37 3.53
CA ALA C 189 1.58 11.23 3.78
C ALA C 189 0.20 11.70 4.24
N ALA C 190 0.18 12.69 5.11
CA ALA C 190 -1.07 13.29 5.61
C ALA C 190 -1.89 13.83 4.43
N VAL C 191 -1.21 14.47 3.48
CA VAL C 191 -1.87 15.06 2.33
C VAL C 191 -2.44 14.00 1.42
N VAL C 192 -1.68 12.93 1.24
CA VAL C 192 -2.11 11.85 0.37
C VAL C 192 -3.49 11.36 0.85
N HIS C 193 -3.58 11.00 2.14
CA HIS C 193 -4.81 10.40 2.63
C HIS C 193 -5.91 11.46 2.91
N PHE C 194 -5.49 12.70 3.14
CA PHE C 194 -6.40 13.80 3.28
C PHE C 194 -7.15 13.94 1.98
N CYS C 195 -6.42 13.94 0.87
CA CYS C 195 -7.05 14.02 -0.45
C CYS C 195 -7.95 12.82 -0.72
N ARG C 196 -7.50 11.62 -0.36
CA ARG C 196 -8.36 10.45 -0.52
C ARG C 196 -9.69 10.66 0.21
N SER C 197 -9.62 11.21 1.43
CA SER C 197 -10.82 11.42 2.28
C SER C 197 -11.73 12.47 1.61
N LEU C 198 -11.10 13.43 0.95
CA LEU C 198 -11.78 14.50 0.25
C LEU C 198 -12.53 13.95 -0.94
N ALA C 199 -11.88 13.05 -1.69
CA ALA C 199 -12.50 12.40 -2.84
C ALA C 199 -13.88 11.80 -2.50
N ARG C 200 -13.97 11.18 -1.32
CA ARG C 200 -15.24 10.63 -0.83
C ARG C 200 -16.13 11.77 -0.34
N ASP C 201 -15.57 12.65 0.48
CA ASP C 201 -16.29 13.79 1.03
C ASP C 201 -17.02 14.59 -0.08
N TRP C 202 -16.29 14.89 -1.16
CA TRP C 202 -16.76 15.78 -2.22
C TRP C 202 -17.34 15.06 -3.42
N ARG C 203 -17.66 13.76 -3.24
CA ARG C 203 -18.02 12.85 -4.36
C ARG C 203 -19.14 13.35 -5.28
N ASN C 204 -19.98 14.27 -4.79
CA ASN C 204 -21.12 14.76 -5.58
C ASN C 204 -20.81 15.98 -6.41
N PHE C 205 -19.59 16.51 -6.26
CA PHE C 205 -19.30 17.76 -6.95
C PHE C 205 -17.86 17.94 -7.43
N ALA C 206 -16.97 16.99 -7.13
CA ALA C 206 -15.56 17.11 -7.49
C ALA C 206 -14.77 15.82 -7.43
N ARG C 207 -13.63 15.83 -8.11
CA ARG C 207 -12.67 14.75 -7.97
C ARG C 207 -11.45 15.30 -7.22
N VAL C 208 -10.76 14.42 -6.51
CA VAL C 208 -9.61 14.80 -5.73
C VAL C 208 -8.56 13.72 -5.94
N ASN C 209 -7.36 14.15 -6.38
CA ASN C 209 -6.25 13.24 -6.65
C ASN C 209 -4.92 13.88 -6.27
N THR C 210 -3.87 13.06 -6.13
CA THR C 210 -2.54 13.57 -5.86
C THR C 210 -1.52 13.10 -6.87
N ILE C 211 -0.50 13.92 -7.08
CA ILE C 211 0.65 13.48 -7.87
C ILE C 211 1.86 13.42 -6.93
N SER C 212 2.49 12.27 -6.88
CA SER C 212 3.69 12.07 -6.05
C SER C 212 4.92 11.98 -6.94
N PRO C 213 5.62 13.12 -7.12
CA PRO C 213 6.84 13.06 -7.92
C PRO C 213 7.98 12.42 -7.04
N GLY C 214 8.93 11.81 -7.72
CA GLY C 214 10.21 11.48 -7.14
C GLY C 214 11.08 12.70 -7.29
N PHE C 215 12.39 12.54 -7.23
CA PHE C 215 13.31 13.63 -7.40
C PHE C 215 13.24 14.25 -8.80
N PHE C 216 13.04 15.55 -8.81
CA PHE C 216 13.00 16.35 -10.02
C PHE C 216 14.00 17.49 -9.97
N ASP C 217 14.49 17.83 -11.15
CA ASP C 217 15.48 18.89 -11.35
C ASP C 217 14.82 20.27 -11.18
N THR C 218 14.93 20.77 -9.97
CA THR C 218 14.14 21.87 -9.45
C THR C 218 14.97 22.33 -8.24
N PRO C 219 14.72 23.53 -7.71
CA PRO C 219 15.39 23.90 -6.46
C PRO C 219 15.04 23.00 -5.24
N MET C 220 13.98 22.20 -5.35
CA MET C 220 13.66 21.27 -4.27
C MET C 220 14.16 19.86 -4.54
N GLY C 221 14.97 19.71 -5.59
CA GLY C 221 15.54 18.42 -5.97
C GLY C 221 16.71 18.02 -5.08
N PRO C 222 17.50 17.02 -5.53
CA PRO C 222 18.60 16.55 -4.67
C PRO C 222 19.48 17.69 -4.17
N SER C 223 19.56 17.85 -2.85
CA SER C 223 20.32 18.94 -2.22
C SER C 223 21.84 18.85 -2.38
N ASP C 224 22.40 17.64 -2.38
CA ASP C 224 23.84 17.49 -2.55
C ASP C 224 24.22 16.17 -3.22
N LYS C 225 25.53 15.99 -3.43
CA LYS C 225 26.10 14.76 -4.02
C LYS C 225 25.66 13.46 -3.32
N ALA C 226 25.47 13.52 -2.01
CA ALA C 226 25.08 12.33 -1.24
C ALA C 226 23.66 11.86 -1.55
N VAL C 227 22.73 12.79 -1.67
CA VAL C 227 21.37 12.40 -2.08
C VAL C 227 21.30 12.02 -3.56
N GLU C 228 22.12 12.69 -4.39
CA GLU C 228 22.24 12.32 -5.78
C GLU C 228 22.67 10.85 -5.93
N ASP C 229 23.68 10.44 -5.15
CA ASP C 229 24.16 9.06 -5.19
C ASP C 229 23.08 8.06 -4.78
N VAL C 230 22.30 8.41 -3.77
CA VAL C 230 21.14 7.63 -3.40
C VAL C 230 20.14 7.56 -4.58
N LEU C 231 19.86 8.71 -5.19
CA LEU C 231 18.96 8.76 -6.35
C LEU C 231 19.40 7.87 -7.51
N TYR C 232 20.69 7.92 -7.85
CA TYR C 232 21.23 7.11 -8.96
C TYR C 232 21.12 5.62 -8.70
N GLN C 233 21.08 5.22 -7.44
CA GLN C 233 20.92 3.83 -7.05
C GLN C 233 19.45 3.39 -7.00
N LYS C 234 18.59 4.19 -6.38
CA LYS C 234 17.18 3.87 -6.16
C LYS C 234 16.29 4.07 -7.41
N SER C 235 16.44 5.20 -8.08
CA SER C 235 15.74 5.42 -9.35
C SER C 235 16.28 4.42 -10.36
N VAL C 236 15.41 3.56 -10.88
CA VAL C 236 15.81 2.56 -11.84
C VAL C 236 16.25 3.26 -13.15
N LEU C 237 15.79 4.48 -13.35
CA LEU C 237 16.15 5.27 -14.53
C LEU C 237 17.48 6.02 -14.37
N GLY C 238 18.04 6.01 -13.16
CA GLY C 238 19.39 6.54 -12.89
C GLY C 238 19.55 8.04 -13.13
N ARG C 239 18.51 8.79 -12.74
CA ARG C 239 18.47 10.24 -12.98
C ARG C 239 17.28 10.87 -12.27
N ALA C 240 17.38 12.18 -12.08
CA ALA C 240 16.29 13.00 -11.58
C ALA C 240 15.32 13.25 -12.72
N GLY C 241 14.06 13.46 -12.39
CA GLY C 241 13.10 13.79 -13.42
C GLY C 241 13.34 15.18 -13.99
N ASP C 242 12.79 15.42 -15.17
CA ASP C 242 12.69 16.74 -15.73
C ASP C 242 11.21 17.15 -15.64
N VAL C 243 10.93 18.40 -15.27
CA VAL C 243 9.55 18.85 -15.01
C VAL C 243 8.59 18.64 -16.20
N LYS C 244 9.09 18.67 -17.45
CA LYS C 244 8.26 18.33 -18.60
C LYS C 244 7.58 16.93 -18.41
N GLU C 245 8.22 16.08 -17.60
CA GLU C 245 7.77 14.70 -17.41
C GLU C 245 6.58 14.59 -16.41
N LEU C 246 6.17 15.72 -15.85
CA LEU C 246 5.00 15.82 -14.99
C LEU C 246 3.82 16.48 -15.70
N LYS C 247 4.12 17.19 -16.79
CA LYS C 247 3.18 18.10 -17.44
C LYS C 247 1.87 17.40 -17.81
N ALA C 248 1.99 16.24 -18.48
CA ALA C 248 0.86 15.45 -18.91
C ALA C 248 0.00 14.91 -17.76
N ALA C 249 0.63 14.59 -16.62
CA ALA C 249 -0.07 14.07 -15.44
C ALA C 249 -0.97 15.11 -14.77
N TYR C 250 -0.48 16.35 -14.65
CA TYR C 250 -1.30 17.45 -14.14
C TYR C 250 -2.49 17.71 -15.06
N LEU C 251 -2.25 17.75 -16.37
CA LEU C 251 -3.30 17.99 -17.34
C LEU C 251 -4.30 16.83 -17.35
N TYR C 252 -3.77 15.61 -17.24
CA TYR C 252 -4.63 14.45 -17.09
C TYR C 252 -5.68 14.63 -15.95
N LEU C 253 -5.19 15.01 -14.76
CA LEU C 253 -6.06 15.11 -13.58
C LEU C 253 -6.94 16.36 -13.58
N ALA C 254 -6.47 17.41 -14.27
CA ALA C 254 -7.13 18.69 -14.26
C ALA C 254 -8.34 18.67 -15.20
N SER C 255 -8.29 17.77 -16.20
CA SER C 255 -9.29 17.76 -17.28
C SER C 255 -10.26 16.57 -17.23
N ASN C 256 -11.10 16.50 -18.25
CA ASN C 256 -12.00 15.39 -18.47
C ASN C 256 -11.35 14.14 -19.02
N ALA C 257 -10.01 14.11 -19.06
CA ALA C 257 -9.30 12.89 -19.42
C ALA C 257 -9.49 11.83 -18.30
N SER C 258 -9.90 12.28 -17.11
CA SER C 258 -9.83 11.44 -15.91
C SER C 258 -11.12 11.45 -15.08
N THR C 259 -12.27 11.47 -15.74
CA THR C 259 -13.55 11.62 -15.04
C THR C 259 -13.94 10.45 -14.10
N TYR C 260 -13.31 9.30 -14.23
CA TYR C 260 -13.51 8.20 -13.30
C TYR C 260 -12.33 8.05 -12.33
N THR C 261 -11.40 9.01 -12.38
CA THR C 261 -10.20 8.94 -11.54
C THR C 261 -10.38 9.85 -10.34
N THR C 262 -10.56 9.25 -9.17
CA THR C 262 -10.71 10.03 -7.95
C THR C 262 -10.18 9.22 -6.76
N GLY C 263 -9.52 9.90 -5.85
CA GLY C 263 -8.86 9.24 -4.73
C GLY C 263 -7.54 8.58 -5.08
N ALA C 264 -6.98 8.92 -6.23
CA ALA C 264 -5.78 8.25 -6.74
C ALA C 264 -4.53 9.08 -6.50
N ASP C 265 -3.40 8.38 -6.37
CA ASP C 265 -2.10 8.96 -6.18
C ASP C 265 -1.24 8.52 -7.37
N LEU C 266 -0.90 9.44 -8.25
CA LEU C 266 -0.03 9.14 -9.41
C LEU C 266 1.44 9.18 -8.98
N LEU C 267 2.10 8.03 -9.04
CA LEU C 267 3.50 7.94 -8.66
C LEU C 267 4.38 8.13 -9.91
N ILE C 268 5.09 9.26 -9.94
CA ILE C 268 5.99 9.61 -11.08
C ILE C 268 7.41 9.81 -10.55
N ASP C 269 8.13 8.70 -10.45
CA ASP C 269 9.37 8.68 -9.67
C ASP C 269 10.54 7.95 -10.31
N GLY C 270 10.43 7.61 -11.58
CA GLY C 270 11.52 6.90 -12.29
C GLY C 270 11.95 5.62 -11.55
N GLY C 271 10.99 5.00 -10.84
CA GLY C 271 11.20 3.72 -10.19
C GLY C 271 11.84 3.77 -8.81
N TYR C 272 11.98 4.98 -8.27
CA TYR C 272 12.60 5.20 -6.97
C TYR C 272 12.03 4.23 -5.89
N CYS C 273 10.71 4.12 -5.84
CA CYS C 273 10.03 3.30 -4.81
C CYS C 273 9.96 1.79 -5.07
N LEU C 274 10.54 1.32 -6.18
CA LEU C 274 10.47 -0.11 -6.49
C LEU C 274 11.33 -1.00 -5.58
N THR C 275 12.56 -0.60 -5.30
CA THR C 275 13.51 -1.49 -4.62
C THR C 275 13.60 -1.24 -3.12
N GLY D 10 29.17 0.63 14.09
CA GLY D 10 30.02 1.03 12.91
C GLY D 10 29.90 0.11 11.69
N PRO D 11 30.70 -0.98 11.67
CA PRO D 11 30.75 -1.93 10.55
C PRO D 11 29.51 -2.84 10.39
N PHE D 12 29.48 -3.55 9.27
CA PHE D 12 28.41 -4.47 8.90
C PHE D 12 28.93 -5.90 8.73
N PRO D 13 28.11 -6.90 9.12
CA PRO D 13 26.77 -6.72 9.72
C PRO D 13 26.80 -6.25 11.17
N LYS D 14 25.79 -5.47 11.55
CA LYS D 14 25.49 -5.17 12.96
C LYS D 14 25.23 -6.49 13.72
N ALA D 15 25.52 -6.47 15.01
CA ALA D 15 25.35 -7.65 15.86
C ALA D 15 23.89 -8.07 15.98
N THR D 16 23.66 -9.37 15.88
CA THR D 16 22.35 -9.94 16.17
C THR D 16 22.20 -9.98 17.71
N PRO D 17 21.06 -9.51 18.24
CA PRO D 17 20.85 -9.57 19.68
C PRO D 17 20.80 -10.99 20.22
N GLN D 18 21.30 -11.17 21.43
CA GLN D 18 21.17 -12.42 22.15
C GLN D 18 19.71 -12.56 22.57
N LEU D 19 19.12 -13.70 22.24
CA LEU D 19 17.70 -13.91 22.48
C LEU D 19 17.43 -15.27 23.13
N PRO D 20 16.39 -15.34 23.97
CA PRO D 20 15.95 -16.60 24.57
C PRO D 20 15.61 -17.69 23.54
N ASN D 21 15.79 -18.94 23.93
CA ASN D 21 15.23 -20.06 23.19
C ASN D 21 13.75 -20.15 23.43
N SER D 22 13.28 -19.52 24.52
CA SER D 22 11.88 -19.58 24.88
C SER D 22 11.14 -18.41 24.28
N VAL D 23 10.11 -18.70 23.48
CA VAL D 23 9.31 -17.65 22.83
C VAL D 23 8.54 -16.86 23.87
N PHE D 24 8.04 -17.53 24.93
CA PHE D 24 7.38 -16.82 26.03
C PHE D 24 8.29 -15.89 26.81
N ASP D 25 9.54 -16.29 27.03
CA ASP D 25 10.52 -15.40 27.61
C ASP D 25 10.76 -14.11 26.79
N MET D 26 10.62 -14.21 25.47
CA MET D 26 10.79 -13.04 24.59
C MET D 26 9.78 -11.92 24.89
N PHE D 27 8.61 -12.31 25.39
CA PHE D 27 7.51 -11.39 25.70
C PHE D 27 7.66 -10.70 27.05
N SER D 28 8.62 -11.18 27.86
CA SER D 28 8.77 -10.69 29.22
C SER D 28 9.09 -9.20 29.23
N MET D 29 8.40 -8.48 30.10
CA MET D 29 8.65 -7.07 30.27
C MET D 29 9.33 -6.79 31.62
N LYS D 30 9.81 -7.87 32.26
CA LYS D 30 10.55 -7.79 33.52
C LYS D 30 11.73 -6.82 33.40
N GLY D 31 11.80 -5.84 34.29
CA GLY D 31 12.89 -4.86 34.29
C GLY D 31 12.70 -3.72 33.26
N LYS D 32 11.58 -3.76 32.53
CA LYS D 32 11.28 -2.72 31.54
C LYS D 32 10.16 -1.81 32.01
N VAL D 33 10.27 -0.54 31.62
CA VAL D 33 9.32 0.49 31.97
C VAL D 33 8.58 0.94 30.70
N THR D 34 7.26 0.91 30.77
CA THR D 34 6.41 1.34 29.65
C THR D 34 5.52 2.52 30.07
N ALA D 35 5.51 3.58 29.28
CA ALA D 35 4.59 4.69 29.51
C ALA D 35 3.52 4.69 28.42
N ILE D 36 2.26 4.91 28.83
CA ILE D 36 1.13 4.74 27.90
C ILE D 36 0.15 5.91 28.02
N THR D 37 0.06 6.73 26.98
CA THR D 37 -0.95 7.78 26.95
C THR D 37 -2.32 7.18 26.67
N GLY D 38 -3.38 7.91 27.02
CA GLY D 38 -4.71 7.34 27.03
C GLY D 38 -4.76 6.11 27.96
N GLY D 39 -3.98 6.15 29.05
CA GLY D 39 -3.83 5.02 29.94
C GLY D 39 -5.09 4.61 30.68
N GLY D 40 -6.03 5.52 30.81
CA GLY D 40 -7.30 5.21 31.47
C GLY D 40 -8.38 4.79 30.49
N GLY D 41 -8.02 4.75 29.22
CA GLY D 41 -8.98 4.44 28.15
C GLY D 41 -9.03 2.97 27.84
N GLY D 42 -9.85 2.60 26.86
CA GLY D 42 -10.09 1.17 26.53
C GLY D 42 -8.82 0.47 26.10
N ILE D 43 -8.28 0.91 24.97
CA ILE D 43 -7.10 0.27 24.38
C ILE D 43 -5.88 0.42 25.27
N GLY D 44 -5.73 1.59 25.87
CA GLY D 44 -4.54 1.91 26.63
C GLY D 44 -4.41 1.11 27.91
N PHE D 45 -5.54 0.91 28.60
CA PHE D 45 -5.51 0.13 29.82
C PHE D 45 -5.40 -1.36 29.52
N ALA D 46 -6.02 -1.80 28.44
CA ALA D 46 -5.84 -3.16 27.97
C ALA D 46 -4.33 -3.48 27.76
N ALA D 47 -3.61 -2.56 27.09
CA ALA D 47 -2.20 -2.73 26.82
C ALA D 47 -1.37 -2.71 28.09
N ALA D 48 -1.77 -1.86 29.02
CA ALA D 48 -1.16 -1.84 30.34
C ALA D 48 -1.30 -3.18 31.07
N GLU D 49 -2.46 -3.79 30.96
CA GLU D 49 -2.71 -5.10 31.57
C GLU D 49 -1.84 -6.18 30.96
N ALA D 50 -1.68 -6.14 29.62
CA ALA D 50 -0.81 -7.05 28.91
C ALA D 50 0.63 -6.94 29.39
N ILE D 51 1.11 -5.70 29.48
CA ILE D 51 2.50 -5.42 29.85
C ILE D 51 2.77 -5.70 31.35
N ALA D 52 1.79 -5.38 32.19
CA ALA D 52 1.87 -5.71 33.63
C ALA D 52 1.95 -7.22 33.82
N GLU D 53 1.09 -7.96 33.14
CA GLU D 53 1.11 -9.42 33.20
C GLU D 53 2.46 -9.99 32.79
N ALA D 54 3.08 -9.38 31.79
CA ALA D 54 4.39 -9.78 31.29
C ALA D 54 5.51 -9.39 32.25
N GLY D 55 5.13 -8.78 33.37
CA GLY D 55 6.06 -8.37 34.43
C GLY D 55 6.65 -6.97 34.26
N GLY D 56 6.04 -6.16 33.41
CA GLY D 56 6.55 -4.81 33.15
C GLY D 56 6.00 -3.78 34.10
N ASP D 57 6.83 -2.78 34.42
CA ASP D 57 6.39 -1.59 35.14
C ASP D 57 5.71 -0.64 34.16
N VAL D 58 4.65 0.01 34.62
CA VAL D 58 3.74 0.79 33.77
C VAL D 58 3.48 2.19 34.32
N ALA D 59 3.76 3.21 33.50
CA ALA D 59 3.32 4.56 33.79
C ALA D 59 2.06 4.83 32.99
N LEU D 60 0.97 5.15 33.67
CA LEU D 60 -0.31 5.43 33.02
C LEU D 60 -0.55 6.93 32.83
N LEU D 61 -0.54 7.40 31.59
CA LEU D 61 -0.68 8.82 31.33
C LEU D 61 -2.11 9.13 30.96
N TYR D 62 -2.72 10.06 31.69
CA TYR D 62 -4.13 10.39 31.50
C TYR D 62 -4.31 11.90 31.54
N ARG D 63 -5.45 12.36 31.03
CA ARG D 63 -5.80 13.77 31.04
C ARG D 63 -7.00 14.02 31.95
N SER D 64 -8.12 13.36 31.68
CA SER D 64 -9.36 13.63 32.41
C SER D 64 -9.94 12.40 33.11
N ALA D 65 -9.33 11.24 32.89
CA ALA D 65 -9.87 9.99 33.41
C ALA D 65 -9.91 10.03 34.95
N PRO D 66 -11.05 9.64 35.54
CA PRO D 66 -11.12 9.65 37.01
C PRO D 66 -10.47 8.40 37.63
N ASN D 67 -10.23 8.46 38.93
CA ASN D 67 -9.83 7.32 39.76
C ASN D 67 -8.52 6.68 39.35
N MET D 68 -7.65 7.43 38.66
CA MET D 68 -6.42 6.85 38.11
C MET D 68 -5.40 6.40 39.16
N GLU D 69 -5.37 7.03 40.32
CA GLU D 69 -4.46 6.61 41.38
C GLU D 69 -4.87 5.25 41.94
N GLU D 70 -6.17 5.05 42.12
CA GLU D 70 -6.67 3.76 42.64
C GLU D 70 -6.58 2.67 41.54
N ARG D 71 -6.97 2.99 40.30
CA ARG D 71 -6.81 2.05 39.18
C ARG D 71 -5.35 1.59 39.01
N SER D 72 -4.41 2.51 39.22
CA SER D 72 -2.99 2.19 39.13
C SER D 72 -2.60 1.27 40.27
N ALA D 73 -3.14 1.56 41.45
CA ALA D 73 -2.90 0.76 42.63
C ALA D 73 -3.45 -0.67 42.46
N GLU D 74 -4.62 -0.79 41.85
CA GLU D 74 -5.26 -2.09 41.60
C GLU D 74 -4.39 -2.93 40.68
N LEU D 75 -3.89 -2.29 39.62
CA LEU D 75 -3.06 -2.97 38.62
C LEU D 75 -1.72 -3.41 39.21
N ALA D 76 -1.09 -2.53 39.98
CA ALA D 76 0.19 -2.83 40.63
C ALA D 76 0.08 -4.03 41.56
N LYS D 77 -0.98 -4.05 42.35
CA LYS D 77 -1.23 -5.15 43.30
C LYS D 77 -1.56 -6.43 42.54
N ARG D 78 -2.38 -6.31 41.49
CA ARG D 78 -2.81 -7.47 40.73
C ARG D 78 -1.64 -8.21 40.11
N PHE D 79 -0.66 -7.46 39.61
CA PHE D 79 0.43 -8.07 38.89
C PHE D 79 1.80 -8.05 39.55
N GLY D 80 1.92 -7.42 40.73
CA GLY D 80 3.21 -7.35 41.43
C GLY D 80 4.27 -6.52 40.69
N VAL D 81 3.82 -5.49 39.99
CA VAL D 81 4.74 -4.60 39.28
C VAL D 81 4.51 -3.20 39.78
N LYS D 82 5.36 -2.25 39.39
CA LYS D 82 5.13 -0.85 39.77
C LYS D 82 4.23 -0.17 38.72
N VAL D 83 3.18 0.48 39.20
CA VAL D 83 2.27 1.22 38.33
C VAL D 83 2.05 2.59 38.94
N LYS D 84 2.28 3.64 38.13
CA LYS D 84 2.02 5.00 38.58
C LYS D 84 1.28 5.80 37.49
N SER D 85 0.39 6.69 37.90
CA SER D 85 -0.32 7.53 36.95
C SER D 85 0.28 8.95 36.90
N TYR D 86 0.21 9.57 35.72
CA TYR D 86 0.76 10.91 35.51
C TYR D 86 -0.24 11.68 34.69
N GLN D 87 -0.54 12.89 35.10
CA GLN D 87 -1.40 13.73 34.28
C GLN D 87 -0.58 14.30 33.11
N CYS D 88 -1.12 14.13 31.91
CA CYS D 88 -0.45 14.56 30.70
C CYS D 88 -1.47 14.98 29.64
N GLU D 89 -1.41 16.23 29.24
CA GLU D 89 -2.22 16.78 28.17
C GLU D 89 -1.39 16.71 26.88
N VAL D 90 -1.73 15.80 25.98
CA VAL D 90 -0.84 15.44 24.86
C VAL D 90 -0.72 16.49 23.77
N THR D 91 -1.68 17.44 23.70
CA THR D 91 -1.60 18.53 22.72
C THR D 91 -0.54 19.58 23.07
N GLU D 92 0.06 19.47 24.26
CA GLU D 92 1.01 20.47 24.76
C GLU D 92 2.37 19.82 24.96
N HIS D 93 3.38 20.35 24.28
CA HIS D 93 4.70 19.73 24.31
C HIS D 93 5.28 19.65 25.72
N GLU D 94 5.10 20.71 26.50
CA GLU D 94 5.66 20.77 27.84
C GLU D 94 5.07 19.71 28.77
N SER D 95 3.78 19.47 28.66
CA SER D 95 3.12 18.45 29.49
C SER D 95 3.58 17.05 29.05
N VAL D 96 3.68 16.83 27.74
CA VAL D 96 4.20 15.54 27.21
C VAL D 96 5.63 15.28 27.74
N LYS D 97 6.50 16.29 27.60
CA LYS D 97 7.89 16.21 28.03
C LYS D 97 8.01 16.03 29.55
N GLN D 98 7.22 16.78 30.32
CA GLN D 98 7.27 16.68 31.78
C GLN D 98 6.83 15.30 32.28
N ALA D 99 5.81 14.73 31.63
CA ALA D 99 5.35 13.38 31.97
C ALA D 99 6.47 12.35 31.72
N ILE D 100 7.08 12.45 30.53
CA ILE D 100 8.17 11.56 30.14
C ILE D 100 9.31 11.65 31.16
N GLU D 101 9.67 12.87 31.54
CA GLU D 101 10.79 13.11 32.45
C GLU D 101 10.47 12.73 33.90
N ALA D 102 9.20 12.84 34.28
CA ALA D 102 8.76 12.34 35.59
C ALA D 102 8.90 10.82 35.65
N VAL D 103 8.48 10.14 34.58
CA VAL D 103 8.59 8.69 34.46
C VAL D 103 10.06 8.22 34.52
N GLU D 104 10.93 8.91 33.77
CA GLU D 104 12.33 8.55 33.71
C GLU D 104 12.94 8.64 35.11
N LYS D 105 12.54 9.66 35.86
CA LYS D 105 13.05 9.90 37.21
C LYS D 105 12.47 8.91 38.23
N ASP D 106 11.15 8.73 38.21
CA ASP D 106 10.49 7.81 39.15
C ASP D 106 10.81 6.34 38.95
N PHE D 107 10.96 5.92 37.69
CA PHE D 107 11.20 4.53 37.35
C PHE D 107 12.66 4.24 37.02
N GLY D 108 13.46 5.29 36.82
CA GLY D 108 14.89 5.14 36.50
C GLY D 108 15.22 4.96 35.02
N ARG D 109 14.20 4.71 34.20
CA ARG D 109 14.39 4.39 32.77
C ARG D 109 13.06 4.44 32.01
N LEU D 110 13.12 4.27 30.70
CA LEU D 110 11.92 4.20 29.87
C LEU D 110 12.23 3.36 28.64
N ASP D 111 11.62 2.18 28.60
CA ASP D 111 11.88 1.20 27.55
C ASP D 111 10.88 1.25 26.41
N CYS D 112 9.66 1.64 26.72
CA CYS D 112 8.61 1.63 25.72
C CYS D 112 7.64 2.78 25.95
N TYR D 113 7.36 3.52 24.87
CA TYR D 113 6.36 4.56 24.95
C TYR D 113 5.25 4.24 23.96
N ILE D 114 4.00 4.26 24.45
CA ILE D 114 2.87 3.97 23.60
C ILE D 114 2.05 5.26 23.43
N ALA D 115 2.20 5.89 22.26
CA ALA D 115 1.49 7.11 21.94
C ALA D 115 0.09 6.69 21.55
N ASN D 116 -0.77 6.48 22.56
CA ASN D 116 -2.07 5.89 22.34
C ASN D 116 -3.25 6.86 22.45
N ALA D 117 -3.05 7.99 23.12
CA ALA D 117 -4.09 9.01 23.16
C ALA D 117 -4.44 9.48 21.73
N GLY D 118 -5.72 9.76 21.52
CA GLY D 118 -6.19 10.25 20.24
C GLY D 118 -7.58 10.82 20.34
N GLY D 119 -8.01 11.49 19.30
CA GLY D 119 -9.31 12.12 19.28
C GLY D 119 -9.48 12.89 18.02
N GLY D 120 -10.32 13.90 18.05
CA GLY D 120 -10.55 14.75 16.88
C GLY D 120 -11.98 15.19 16.73
N VAL D 121 -12.22 15.98 15.69
CA VAL D 121 -13.53 16.55 15.46
C VAL D 121 -13.97 16.07 14.09
N PRO D 122 -15.05 15.28 14.02
CA PRO D 122 -15.49 14.85 12.70
C PRO D 122 -16.11 16.01 11.90
N GLY D 123 -16.25 15.81 10.60
CA GLY D 123 -16.92 16.77 9.71
C GLY D 123 -16.35 16.86 8.30
N SER D 124 -17.24 17.10 7.35
CA SER D 124 -16.94 17.42 5.97
C SER D 124 -16.05 18.63 5.87
N ILE D 125 -15.18 18.64 4.87
CA ILE D 125 -14.27 19.77 4.65
C ILE D 125 -15.02 20.85 3.84
N ASN D 126 -15.31 21.95 4.54
CA ASN D 126 -16.36 22.93 4.24
C ASN D 126 -15.92 24.20 4.94
N PRO D 127 -16.40 25.37 4.49
CA PRO D 127 -16.30 26.56 5.36
C PRO D 127 -17.01 26.42 6.72
N ASP D 128 -17.95 25.49 6.84
CA ASP D 128 -18.57 25.18 8.14
C ASP D 128 -17.69 24.30 9.06
N TYR D 129 -16.50 23.91 8.58
CA TYR D 129 -15.52 23.16 9.40
C TYR D 129 -14.49 24.14 9.95
N PRO D 130 -14.50 24.38 11.27
CA PRO D 130 -13.67 25.42 11.83
C PRO D 130 -12.19 25.07 11.71
N LEU D 131 -11.36 26.07 11.43
CA LEU D 131 -9.92 25.92 11.41
C LEU D 131 -9.45 25.32 12.75
N GLU D 132 -10.09 25.73 13.85
CA GLU D 132 -9.73 25.23 15.17
C GLU D 132 -9.91 23.70 15.28
N ALA D 133 -10.97 23.19 14.67
CA ALA D 133 -11.26 21.74 14.63
C ALA D 133 -10.21 20.93 13.89
N TRP D 134 -9.76 21.46 12.75
CA TRP D 134 -8.65 20.87 12.04
C TRP D 134 -7.41 20.79 12.94
N HIS D 135 -7.03 21.90 13.53
CA HIS D 135 -5.81 21.96 14.33
C HIS D 135 -5.88 21.19 15.63
N LYS D 136 -7.06 21.19 16.28
CA LYS D 136 -7.31 20.34 17.45
C LYS D 136 -7.09 18.87 17.08
N THR D 137 -7.59 18.46 15.91
CA THR D 137 -7.46 17.06 15.47
C THR D 137 -6.00 16.66 15.17
N GLN D 138 -5.26 17.52 14.45
CA GLN D 138 -3.85 17.28 14.18
C GLN D 138 -3.04 17.27 15.49
N SER D 139 -3.40 18.14 16.43
CA SER D 139 -2.71 18.21 17.71
C SER D 139 -2.79 16.93 18.55
N VAL D 140 -4.02 16.42 18.72
CA VAL D 140 -4.22 15.25 19.61
C VAL D 140 -3.65 13.95 19.03
N ASN D 141 -3.69 13.79 17.71
CA ASN D 141 -3.16 12.55 17.11
C ASN D 141 -1.73 12.66 16.64
N LEU D 142 -1.41 13.75 15.95
CA LEU D 142 -0.13 13.88 15.28
C LEU D 142 0.92 14.63 16.11
N HIS D 143 0.61 15.87 16.48
CA HIS D 143 1.62 16.68 17.18
C HIS D 143 2.00 15.95 18.47
N SER D 144 1.00 15.39 19.14
CA SER D 144 1.22 14.63 20.38
C SER D 144 2.30 13.58 20.22
N THR D 145 2.21 12.84 19.11
CA THR D 145 3.16 11.79 18.79
C THR D 145 4.54 12.37 18.53
N PHE D 146 4.59 13.48 17.78
CA PHE D 146 5.88 14.18 17.58
C PHE D 146 6.50 14.65 18.91
N TYR D 147 5.67 15.22 19.81
CA TYR D 147 6.17 15.73 21.09
C TYR D 147 6.76 14.62 21.94
N ALA D 148 6.09 13.47 21.99
CA ALA D 148 6.60 12.31 22.72
C ALA D 148 7.91 11.79 22.13
N ALA D 149 7.93 11.61 20.81
CA ALA D 149 9.09 11.06 20.11
C ALA D 149 10.34 11.91 20.29
N ARG D 150 10.15 13.22 20.16
CA ARG D 150 11.24 14.19 20.33
C ARG D 150 12.00 13.96 21.66
N GLU D 151 11.25 13.69 22.73
CA GLU D 151 11.80 13.55 24.07
C GLU D 151 12.31 12.11 24.33
N CYS D 152 11.55 11.11 23.87
CA CYS D 152 11.99 9.70 23.92
C CYS D 152 13.32 9.44 23.21
N ALA D 153 13.55 10.11 22.07
CA ALA D 153 14.81 9.96 21.34
C ALA D 153 16.05 10.05 22.23
N ARG D 154 16.07 11.03 23.12
CA ARG D 154 17.15 11.24 24.11
C ARG D 154 17.30 10.08 25.08
N ILE D 155 16.19 9.61 25.64
CA ILE D 155 16.24 8.52 26.59
C ILE D 155 16.70 7.25 25.87
N PHE D 156 16.01 6.97 24.76
CA PHE D 156 16.24 5.75 23.97
C PHE D 156 17.67 5.62 23.49
N LYS D 157 18.23 6.72 23.00
CA LYS D 157 19.66 6.67 22.54
C LYS D 157 20.66 6.59 23.70
N ALA D 158 20.37 7.32 24.77
CA ALA D 158 21.18 7.15 26.00
C ALA D 158 21.28 5.69 26.42
N GLN D 159 20.14 5.01 26.37
CA GLN D 159 20.00 3.58 26.71
C GLN D 159 20.57 2.60 25.68
N GLY D 160 20.58 2.99 24.42
CA GLY D 160 20.93 2.08 23.31
C GLY D 160 19.81 1.10 22.93
N SER D 161 18.59 1.39 23.40
CA SER D 161 17.44 0.56 23.14
C SER D 161 16.14 1.32 23.39
N GLY D 162 15.07 0.88 22.75
CA GLY D 162 13.73 1.46 22.99
C GLY D 162 12.72 0.91 22.01
N SER D 163 11.45 1.01 22.36
CA SER D 163 10.38 0.61 21.47
C SER D 163 9.29 1.67 21.53
N PHE D 164 9.08 2.34 20.40
CA PHE D 164 8.05 3.36 20.28
C PHE D 164 6.87 2.75 19.54
N ILE D 165 5.68 2.90 20.11
CA ILE D 165 4.49 2.36 19.52
C ILE D 165 3.46 3.50 19.42
N ALA D 166 2.84 3.65 18.26
CA ALA D 166 1.72 4.57 18.13
C ALA D 166 0.45 3.81 17.78
N THR D 167 -0.64 4.19 18.45
CA THR D 167 -1.94 3.60 18.10
C THR D 167 -2.47 4.39 16.90
N THR D 168 -2.45 3.80 15.72
CA THR D 168 -3.00 4.52 14.56
C THR D 168 -4.44 4.10 14.34
N SER D 169 -4.90 3.79 13.16
CA SER D 169 -6.31 3.43 12.89
C SER D 169 -6.35 2.91 11.45
N ILE D 170 -7.37 2.08 11.17
CA ILE D 170 -7.83 1.84 9.79
C ILE D 170 -8.05 3.15 9.02
N SER D 171 -8.36 4.22 9.74
CA SER D 171 -8.58 5.54 9.16
C SER D 171 -7.32 6.12 8.52
N ALA D 172 -6.17 5.52 8.84
CA ALA D 172 -4.89 5.89 8.25
C ALA D 172 -4.81 5.44 6.79
N ARG D 173 -5.49 4.35 6.47
CA ARG D 173 -5.42 3.77 5.13
C ARG D 173 -6.76 3.70 4.37
N ILE D 174 -7.88 3.77 5.07
CA ILE D 174 -9.19 3.91 4.37
C ILE D 174 -9.95 5.13 4.81
N VAL D 175 -11.05 5.44 4.12
CA VAL D 175 -11.86 6.60 4.54
C VAL D 175 -13.18 6.19 5.16
N ASN D 176 -13.45 6.71 6.34
CA ASN D 176 -14.62 6.32 7.15
C ASN D 176 -15.92 6.83 6.56
N VAL D 177 -16.96 6.03 6.64
CA VAL D 177 -18.30 6.42 6.19
C VAL D 177 -19.31 5.94 7.26
N PRO D 178 -20.49 6.58 7.36
CA PRO D 178 -21.01 7.67 6.53
C PRO D 178 -20.55 9.07 6.92
N TYR D 179 -19.89 9.18 8.08
CA TYR D 179 -19.54 10.47 8.65
C TYR D 179 -18.13 10.89 8.28
N ASP D 180 -18.03 11.75 7.25
CA ASP D 180 -16.74 12.25 6.80
C ASP D 180 -15.90 12.77 7.92
N GLN D 181 -14.62 12.50 7.84
CA GLN D 181 -13.66 12.96 8.85
C GLN D 181 -12.25 13.10 8.29
N PRO D 182 -12.08 13.88 7.22
CA PRO D 182 -10.71 14.00 6.69
C PRO D 182 -9.67 14.44 7.75
N ALA D 183 -9.91 15.46 8.58
CA ALA D 183 -8.92 15.78 9.59
C ALA D 183 -8.36 14.55 10.31
N TYR D 184 -9.22 13.73 10.89
CA TYR D 184 -8.79 12.57 11.64
C TYR D 184 -8.07 11.57 10.78
N ASN D 185 -8.60 11.34 9.58
CA ASN D 185 -7.98 10.37 8.68
C ASN D 185 -6.55 10.80 8.31
N SER D 186 -6.38 12.06 7.97
CA SER D 186 -5.07 12.69 7.68
C SER D 186 -4.09 12.51 8.80
N SER D 187 -4.55 12.83 10.01
CA SER D 187 -3.70 12.91 11.16
C SER D 187 -3.15 11.52 11.47
N LYS D 188 -4.00 10.50 11.31
CA LYS D 188 -3.57 9.12 11.57
C LYS D 188 -2.62 8.61 10.47
N ALA D 189 -2.91 8.95 9.21
CA ALA D 189 -2.00 8.66 8.09
C ALA D 189 -0.61 9.26 8.34
N ALA D 190 -0.61 10.51 8.81
CA ALA D 190 0.60 11.24 9.17
C ALA D 190 1.44 10.48 10.20
N VAL D 191 0.77 9.97 11.24
CA VAL D 191 1.43 9.23 12.31
C VAL D 191 2.06 7.96 11.82
N VAL D 192 1.31 7.20 11.00
CA VAL D 192 1.83 5.96 10.40
C VAL D 192 3.20 6.17 9.73
N HIS D 193 3.31 7.19 8.86
CA HIS D 193 4.52 7.42 8.10
C HIS D 193 5.56 8.20 8.89
N PHE D 194 5.11 8.99 9.88
CA PHE D 194 5.99 9.62 10.83
C PHE D 194 6.76 8.51 11.55
N CYS D 195 6.03 7.49 12.01
CA CYS D 195 6.66 6.40 12.73
C CYS D 195 7.63 5.63 11.83
N ARG D 196 7.24 5.43 10.57
CA ARG D 196 8.14 4.75 9.62
C ARG D 196 9.45 5.56 9.47
N SER D 197 9.33 6.89 9.42
CA SER D 197 10.50 7.77 9.26
C SER D 197 11.39 7.73 10.51
N LEU D 198 10.76 7.61 11.68
CA LEU D 198 11.46 7.47 12.95
C LEU D 198 12.21 6.16 13.05
N ALA D 199 11.61 5.09 12.51
CA ALA D 199 12.21 3.76 12.50
C ALA D 199 13.57 3.81 11.81
N ARG D 200 13.67 4.57 10.71
CA ARG D 200 14.96 4.75 10.03
C ARG D 200 15.85 5.70 10.86
N ASP D 201 15.27 6.85 11.24
CA ASP D 201 15.96 7.86 12.04
C ASP D 201 16.65 7.29 13.28
N TRP D 202 15.90 6.46 14.01
CA TRP D 202 16.31 5.95 15.30
C TRP D 202 16.96 4.57 15.24
N ARG D 203 17.32 4.15 14.04
CA ARG D 203 17.74 2.75 13.75
C ARG D 203 18.86 2.22 14.65
N ASN D 204 19.69 3.10 15.18
CA ASN D 204 20.84 2.66 16.01
C ASN D 204 20.46 2.44 17.45
N PHE D 205 19.26 2.88 17.85
CA PHE D 205 18.92 2.80 19.28
C PHE D 205 17.49 2.43 19.60
N ALA D 206 16.65 2.25 18.59
CA ALA D 206 15.25 1.93 18.89
C ALA D 206 14.51 1.34 17.73
N ARG D 207 13.40 0.68 18.05
CA ARG D 207 12.45 0.24 17.06
C ARG D 207 11.16 1.07 17.18
N VAL D 208 10.48 1.26 16.05
CA VAL D 208 9.27 2.08 15.97
C VAL D 208 8.25 1.37 15.08
N ASN D 209 7.05 1.16 15.61
CA ASN D 209 5.96 0.48 14.89
C ASN D 209 4.62 1.07 15.26
N THR D 210 3.61 0.82 14.44
CA THR D 210 2.25 1.26 14.75
C THR D 210 1.27 0.07 14.78
N ILE D 211 0.20 0.24 15.54
CA ILE D 211 -0.90 -0.71 15.53
C ILE D 211 -2.10 0.07 15.03
N SER D 212 -2.71 -0.40 13.95
CA SER D 212 -3.89 0.24 13.39
C SER D 212 -5.13 -0.59 13.68
N PRO D 213 -5.86 -0.24 14.76
CA PRO D 213 -7.10 -0.95 15.07
C PRO D 213 -8.21 -0.59 14.09
N GLY D 214 -9.08 -1.56 13.78
CA GLY D 214 -10.39 -1.28 13.23
C GLY D 214 -11.29 -0.78 14.33
N PHE D 215 -12.60 -0.86 14.15
CA PHE D 215 -13.55 -0.47 15.21
C PHE D 215 -13.47 -1.40 16.40
N PHE D 216 -13.41 -0.81 17.58
CA PHE D 216 -13.40 -1.53 18.86
C PHE D 216 -14.45 -0.95 19.80
N ASP D 217 -14.99 -1.81 20.68
CA ASP D 217 -15.95 -1.41 21.69
C ASP D 217 -15.29 -0.60 22.84
N THR D 218 -15.12 0.70 22.59
CA THR D 218 -14.64 1.67 23.54
C THR D 218 -15.49 2.91 23.28
N PRO D 219 -15.33 3.96 24.10
CA PRO D 219 -16.00 5.23 23.79
C PRO D 219 -15.63 5.79 22.44
N MET D 220 -14.49 5.37 21.89
CA MET D 220 -14.14 5.83 20.52
C MET D 220 -14.63 4.94 19.36
N GLY D 221 -15.45 3.95 19.68
CA GLY D 221 -15.96 2.99 18.69
C GLY D 221 -17.15 3.54 17.92
N PRO D 222 -17.87 2.66 17.19
CA PRO D 222 -18.97 3.12 16.32
C PRO D 222 -19.92 4.09 17.05
N SER D 223 -20.01 5.31 16.52
CA SER D 223 -20.72 6.39 17.20
C SER D 223 -22.23 6.24 17.18
N ASP D 224 -22.78 5.53 16.18
CA ASP D 224 -24.23 5.26 16.14
C ASP D 224 -24.57 4.03 15.27
N LYS D 225 -25.86 3.81 15.07
CA LYS D 225 -26.39 2.68 14.33
C LYS D 225 -25.91 2.68 12.87
N ALA D 226 -25.88 3.86 12.24
CA ALA D 226 -25.40 3.98 10.86
C ALA D 226 -23.92 3.56 10.70
N VAL D 227 -23.08 3.91 11.66
CA VAL D 227 -21.67 3.44 11.66
C VAL D 227 -21.61 1.93 11.93
N GLU D 228 -22.46 1.45 12.86
CA GLU D 228 -22.55 0.02 13.15
C GLU D 228 -22.91 -0.80 11.93
N ASP D 229 -23.91 -0.33 11.17
CA ASP D 229 -24.35 -1.06 9.96
C ASP D 229 -23.26 -1.17 8.89
N VAL D 230 -22.46 -0.12 8.77
CA VAL D 230 -21.29 -0.13 7.88
C VAL D 230 -20.27 -1.16 8.38
N LEU D 231 -19.96 -1.09 9.66
CA LEU D 231 -19.04 -2.02 10.30
C LEU D 231 -19.46 -3.49 10.08
N TYR D 232 -20.74 -3.80 10.20
CA TYR D 232 -21.21 -5.19 10.06
C TYR D 232 -21.06 -5.67 8.63
N GLN D 233 -21.26 -4.76 7.68
CA GLN D 233 -21.04 -5.06 6.28
C GLN D 233 -19.56 -5.28 5.95
N LYS D 234 -18.70 -4.40 6.48
CA LYS D 234 -17.29 -4.32 6.05
C LYS D 234 -16.32 -5.25 6.79
N SER D 235 -16.37 -5.25 8.12
CA SER D 235 -15.63 -6.24 8.89
C SER D 235 -16.14 -7.61 8.45
N VAL D 236 -15.24 -8.49 8.01
CA VAL D 236 -15.64 -9.84 7.56
C VAL D 236 -16.14 -10.68 8.78
N LEU D 237 -15.69 -10.30 9.96
CA LEU D 237 -16.11 -10.95 11.21
C LEU D 237 -17.45 -10.43 11.73
N GLY D 238 -17.97 -9.37 11.10
CA GLY D 238 -19.30 -8.84 11.40
C GLY D 238 -19.56 -8.31 12.82
N ARG D 239 -18.53 -7.72 13.40
CA ARG D 239 -18.59 -7.21 14.77
C ARG D 239 -17.46 -6.24 15.01
N ALA D 240 -17.58 -5.46 16.08
CA ALA D 240 -16.50 -4.60 16.56
C ALA D 240 -15.51 -5.48 17.35
N GLY D 241 -14.27 -5.04 17.40
CA GLY D 241 -13.27 -5.72 18.20
C GLY D 241 -13.52 -5.53 19.70
N ASP D 242 -12.98 -6.43 20.50
CA ASP D 242 -12.94 -6.28 21.93
C ASP D 242 -11.47 -6.00 22.28
N VAL D 243 -11.20 -5.01 23.13
CA VAL D 243 -9.84 -4.58 23.43
C VAL D 243 -8.86 -5.69 23.86
N LYS D 244 -9.36 -6.85 24.27
CA LYS D 244 -8.46 -7.95 24.64
C LYS D 244 -7.76 -8.45 23.36
N GLU D 245 -8.41 -8.24 22.22
CA GLU D 245 -7.90 -8.65 20.95
C GLU D 245 -6.76 -7.74 20.40
N LEU D 246 -6.45 -6.67 21.13
CA LEU D 246 -5.28 -5.81 20.83
C LEU D 246 -4.08 -6.08 21.75
N LYS D 247 -4.34 -6.76 22.89
CA LYS D 247 -3.34 -6.84 23.96
C LYS D 247 -2.04 -7.50 23.55
N ALA D 248 -2.16 -8.56 22.75
CA ALA D 248 -1.02 -9.35 22.36
C ALA D 248 -0.11 -8.58 21.41
N ALA D 249 -0.71 -7.77 20.55
CA ALA D 249 0.02 -6.95 19.57
C ALA D 249 0.87 -5.86 20.23
N TYR D 250 0.32 -5.21 21.26
CA TYR D 250 1.10 -4.24 22.03
C TYR D 250 2.25 -4.91 22.81
N LEU D 251 1.98 -6.04 23.42
CA LEU D 251 3.03 -6.77 24.16
C LEU D 251 4.12 -7.23 23.15
N TYR D 252 3.68 -7.70 21.99
CA TYR D 252 4.58 -8.14 20.92
C TYR D 252 5.57 -7.04 20.52
N LEU D 253 5.07 -5.84 20.29
CA LEU D 253 5.92 -4.72 19.89
C LEU D 253 6.80 -4.15 21.02
N ALA D 254 6.28 -4.22 22.24
CA ALA D 254 6.92 -3.62 23.41
C ALA D 254 8.12 -4.44 23.87
N SER D 255 8.10 -5.72 23.51
CA SER D 255 9.06 -6.69 24.04
C SER D 255 10.09 -7.17 23.01
N ASN D 256 10.96 -8.06 23.45
CA ASN D 256 11.91 -8.77 22.58
C ASN D 256 11.29 -9.86 21.69
N ALA D 257 9.98 -9.99 21.71
CA ALA D 257 9.27 -10.83 20.75
C ALA D 257 9.43 -10.30 19.31
N SER D 258 9.82 -9.02 19.16
CA SER D 258 9.81 -8.38 17.85
C SER D 258 11.09 -7.62 17.47
N THR D 259 12.24 -8.18 17.78
CA THR D 259 13.50 -7.44 17.63
C THR D 259 13.92 -7.15 16.16
N TYR D 260 13.30 -7.79 15.19
CA TYR D 260 13.58 -7.51 13.80
C TYR D 260 12.35 -6.83 13.13
N THR D 261 11.41 -6.41 13.95
CA THR D 261 10.19 -5.73 13.48
C THR D 261 10.30 -4.23 13.76
N THR D 262 10.55 -3.46 12.71
CA THR D 262 10.58 -2.00 12.83
C THR D 262 10.05 -1.36 11.52
N GLY D 263 9.32 -0.26 11.66
CA GLY D 263 8.69 0.38 10.51
C GLY D 263 7.39 -0.26 10.07
N ALA D 264 6.88 -1.18 10.89
CA ALA D 264 5.69 -1.97 10.56
C ALA D 264 4.41 -1.36 11.09
N ASP D 265 3.31 -1.65 10.41
CA ASP D 265 1.98 -1.25 10.79
C ASP D 265 1.13 -2.52 10.96
N LEU D 266 0.85 -2.89 12.20
CA LEU D 266 -0.01 -4.04 12.51
C LEU D 266 -1.49 -3.66 12.37
N LEU D 267 -2.15 -4.22 11.37
CA LEU D 267 -3.56 -4.01 11.08
C LEU D 267 -4.43 -5.03 11.81
N ILE D 268 -5.21 -4.57 12.78
CA ILE D 268 -6.09 -5.48 13.57
C ILE D 268 -7.52 -4.99 13.47
N ASP D 269 -8.22 -5.46 12.45
CA ASP D 269 -9.41 -4.76 11.97
C ASP D 269 -10.61 -5.64 11.64
N GLY D 270 -10.47 -6.93 11.87
CA GLY D 270 -11.50 -7.91 11.57
C GLY D 270 -11.86 -7.90 10.10
N GLY D 271 -10.87 -7.54 9.26
CA GLY D 271 -11.05 -7.53 7.83
C GLY D 271 -11.74 -6.30 7.26
N TYR D 272 -11.81 -5.22 8.04
CA TYR D 272 -12.49 -4.01 7.59
C TYR D 272 -11.91 -3.53 6.24
N CYS D 273 -10.61 -3.65 6.08
CA CYS D 273 -9.93 -3.05 4.90
C CYS D 273 -9.90 -3.93 3.63
N LEU D 274 -10.37 -5.16 3.76
CA LEU D 274 -10.30 -6.15 2.67
C LEU D 274 -11.15 -5.81 1.46
N THR D 275 -12.38 -5.36 1.71
CA THR D 275 -13.33 -5.07 0.63
C THR D 275 -13.39 -3.60 0.24
PA NDP E . -14.28 -7.73 -22.42
O1A NDP E . -15.13 -8.87 -22.06
O2A NDP E . -14.85 -6.80 -23.41
O5B NDP E . -12.79 -8.16 -22.83
C5B NDP E . -12.14 -9.33 -22.33
C4B NDP E . -11.15 -9.68 -23.44
O4B NDP E . -10.28 -10.74 -23.05
C3B NDP E . -11.89 -10.14 -24.67
O3B NDP E . -11.55 -9.22 -25.68
C2B NDP E . -11.41 -11.53 -24.95
O2B NDP E . -11.08 -11.71 -26.31
C1B NDP E . -10.13 -11.61 -24.13
N9A NDP E . -9.78 -12.98 -23.67
C8A NDP E . -10.30 -13.68 -22.62
N7A NDP E . -9.68 -14.88 -22.53
C5A NDP E . -8.77 -14.92 -23.50
C6A NDP E . -7.83 -15.89 -23.92
N6A NDP E . -7.73 -17.03 -23.27
N1A NDP E . -7.03 -15.62 -25.00
C2A NDP E . -7.11 -14.45 -25.70
N3A NDP E . -8.03 -13.50 -25.32
C4A NDP E . -8.82 -13.72 -24.25
O3 NDP E . -14.05 -6.98 -21.00
PN NDP E . -13.00 -5.83 -20.58
O1N NDP E . -13.62 -5.18 -19.38
O2N NDP E . -12.61 -5.06 -21.78
O5D NDP E . -11.71 -6.69 -20.04
C5D NDP E . -10.40 -6.31 -20.40
C4D NDP E . -9.49 -6.38 -19.17
O4D NDP E . -9.90 -5.49 -18.13
C3D NDP E . -9.40 -7.77 -18.54
O3D NDP E . -8.06 -7.95 -18.24
C2D NDP E . -10.17 -7.64 -17.24
O2D NDP E . -9.64 -8.51 -16.27
C1D NDP E . -9.91 -6.18 -16.89
N1N NDP E . -10.87 -5.52 -15.98
C2N NDP E . -12.18 -5.38 -16.31
C3N NDP E . -13.05 -4.74 -15.43
C7N NDP E . -14.50 -4.42 -15.75
O7N NDP E . -15.29 -4.03 -14.78
N7N NDP E . -14.91 -4.48 -17.03
C4N NDP E . -12.54 -4.20 -14.20
C5N NDP E . -11.19 -4.35 -13.90
C6N NDP E . -10.36 -5.01 -14.81
P2B NDP E . -12.02 -12.51 -27.33
O1X NDP E . -11.43 -12.26 -28.71
O2X NDP E . -12.03 -13.99 -27.01
O3X NDP E . -13.37 -11.99 -27.24
PA NDP F . 14.91 -22.99 3.95
O1A NDP F . 15.71 -23.25 2.72
O2A NDP F . 15.52 -23.41 5.26
O5B NDP F . 13.44 -23.58 3.81
C5B NDP F . 12.83 -23.66 2.54
C4B NDP F . 11.85 -24.82 2.67
O4B NDP F . 10.98 -24.93 1.56
C3B NDP F . 12.60 -26.13 2.82
O3B NDP F . 12.21 -26.70 4.06
C2B NDP F . 12.12 -26.98 1.67
O2B NDP F . 11.85 -28.30 2.07
C1B NDP F . 10.82 -26.30 1.25
N9A NDP F . 10.52 -26.55 -0.17
C8A NDP F . 11.10 -25.98 -1.27
N7A NDP F . 10.52 -26.54 -2.36
C5A NDP F . 9.61 -27.45 -1.96
C6A NDP F . 8.72 -28.33 -2.62
N6A NDP F . 8.66 -28.35 -3.95
N1A NDP F . 7.89 -29.16 -1.89
C2A NDP F . 7.93 -29.14 -0.52
N3A NDP F . 8.78 -28.30 0.14
C4A NDP F . 9.61 -27.47 -0.55
O3 NDP F . 14.62 -21.40 4.00
PN NDP F . 13.56 -20.55 4.84
O1N NDP F . 14.14 -19.20 4.94
O2N NDP F . 13.10 -21.25 6.09
O5D NDP F . 12.27 -20.48 3.82
C5D NDP F . 10.95 -20.69 4.24
C4D NDP F . 10.02 -19.66 3.55
O4D NDP F . 10.43 -18.35 3.88
C3D NDP F . 9.97 -19.72 2.05
O3D NDP F . 8.61 -19.59 1.63
C2D NDP F . 10.69 -18.47 1.58
O2D NDP F . 10.16 -18.03 0.34
C1D NDP F . 10.38 -17.52 2.72
N1N NDP F . 11.28 -16.37 2.88
C2N NDP F . 12.58 -16.54 3.26
C3N NDP F . 13.40 -15.42 3.41
C7N NDP F . 14.84 -15.52 3.87
O7N NDP F . 15.67 -14.52 3.66
N7N NDP F . 15.25 -16.65 4.49
C4N NDP F . 12.88 -14.13 3.19
C5N NDP F . 11.54 -13.97 2.82
C6N NDP F . 10.75 -15.10 2.68
P2B NDP F . 12.95 -29.51 2.00
O1X NDP F . 12.35 -30.62 2.88
O2X NDP F . 13.09 -29.96 0.58
O3X NDP F . 14.27 -29.09 2.54
PA NDP G . 10.36 24.91 -6.37
O1A NDP G . 11.31 25.36 -5.32
O2A NDP G . 10.67 25.34 -7.77
O5B NDP G . 8.88 25.32 -6.02
C5B NDP G . 8.37 25.24 -4.69
C4B NDP G . 7.30 26.32 -4.53
O4B NDP G . 6.82 26.33 -3.21
C3B NDP G . 7.91 27.70 -4.79
O3B NDP G . 7.39 28.21 -6.00
C2B NDP G . 7.55 28.54 -3.58
O2B NDP G . 7.01 29.81 -3.92
C1B NDP G . 6.48 27.69 -2.92
N9A NDP G . 6.36 27.93 -1.47
C8A NDP G . 7.14 27.45 -0.45
N7A NDP G . 6.66 27.93 0.71
C5A NDP G . 5.58 28.69 0.45
C6A NDP G . 4.69 29.46 1.22
N6A NDP G . 4.84 29.48 2.54
N1A NDP G . 3.68 30.15 0.63
C2A NDP G . 3.52 30.13 -0.72
N3A NDP G . 4.38 29.43 -1.51
C4A NDP G . 5.38 28.70 -0.95
O3 NDP G . 10.33 23.29 -6.27
PN NDP G . 9.28 22.29 -6.91
O1N NDP G . 9.97 20.99 -7.14
O2N NDP G . 8.59 22.91 -8.08
O5D NDP G . 8.19 22.11 -5.70
C5D NDP G . 6.81 22.02 -5.94
C4D NDP G . 6.19 20.87 -5.15
O4D NDP G . 6.71 19.62 -5.55
C3D NDP G . 6.42 20.97 -3.65
O3D NDP G . 5.20 20.76 -3.01
C2D NDP G . 7.39 19.83 -3.30
O2D NDP G . 7.19 19.37 -1.99
C1D NDP G . 7.00 18.84 -4.37
N1N NDP G . 8.03 17.82 -4.68
C2N NDP G . 9.21 18.20 -5.29
C3N NDP G . 10.17 17.22 -5.58
C7N NDP G . 11.49 17.56 -6.24
O7N NDP G . 12.51 16.72 -6.20
N7N NDP G . 11.57 18.72 -6.92
C4N NDP G . 9.90 15.87 -5.28
C5N NDP G . 8.68 15.52 -4.68
C6N NDP G . 7.75 16.51 -4.39
P2B NDP G . 7.93 31.13 -4.08
O1X NDP G . 7.05 32.13 -4.80
O2X NDP G . 8.27 31.64 -2.70
O3X NDP G . 9.17 30.87 -4.89
PA NDP H . -11.00 5.88 24.69
O1A NDP H . -12.00 6.97 24.51
O2A NDP H . -11.30 4.83 25.73
O5B NDP H . -9.54 6.44 25.02
C5B NDP H . -8.99 7.50 24.27
C4B NDP H . -8.00 8.21 25.17
O4B NDP H . -7.59 9.40 24.54
C3B NDP H . -8.61 8.58 26.53
O3B NDP H . -7.94 7.81 27.54
C2B NDP H . -8.34 10.06 26.66
O2B NDP H . -7.82 10.44 27.91
C1B NDP H . -7.26 10.27 25.62
N9A NDP H . -7.15 11.66 25.17
C8A NDP H . -7.95 12.27 24.26
N7A NDP H . -7.50 13.55 24.14
C5A NDP H . -6.43 13.72 24.94
C6A NDP H . -5.58 14.79 25.22
N6A NDP H . -5.79 15.96 24.58
N1A NDP H . -4.57 14.64 26.12
C2A NDP H . -4.36 13.44 26.75
N3A NDP H . -5.19 12.38 26.49
C4A NDP H . -6.19 12.50 25.62
O3 NDP H . -10.88 5.19 23.23
PN NDP H . -9.82 4.12 22.70
O1N NDP H . -10.51 3.34 21.64
O2N NDP H . -9.11 3.42 23.81
O5D NDP H . -8.72 5.10 22.02
C5D NDP H . -7.34 4.84 22.07
C4D NDP H . -6.71 5.09 20.69
O4D NDP H . -7.20 4.16 19.74
C3D NDP H . -6.98 6.47 20.10
O3D NDP H . -5.78 6.97 19.59
C2D NDP H . -7.93 6.23 18.94
O2D NDP H . -7.73 7.16 17.90
C1D NDP H . -7.52 4.84 18.52
N1N NDP H . -8.53 4.08 17.74
C2N NDP H . -9.72 3.73 18.30
C3N NDP H . -10.64 2.98 17.57
C7N NDP H . -11.90 2.42 18.17
O7N NDP H . -12.83 1.88 17.39
N7N NDP H . -12.02 2.45 19.52
C4N NDP H . -10.32 2.60 16.25
C5N NDP H . -9.08 2.95 15.72
C6N NDP H . -8.19 3.69 16.48
P2B NDP H . -8.73 10.92 29.18
O1X NDP H . -7.89 10.59 30.41
O2X NDP H . -8.98 12.38 29.03
O3X NDP H . -10.03 10.18 29.22
#